data_1ORQ
#
_entry.id   1ORQ
#
_cell.length_a   189.439
_cell.length_b   189.439
_cell.length_c   150.479
_cell.angle_alpha   90.00
_cell.angle_beta   90.00
_cell.angle_gamma   90.00
#
_symmetry.space_group_name_H-M   'I 4 2 2'
#
loop_
_entity.id
_entity.type
_entity.pdbx_description
1 polymer '6E1 Fab light chain'
2 polymer '6E1 Fab heavy chain'
3 polymer 'potassium channel'
4 non-polymer 'CADMIUM ION'
5 non-polymer 'POTASSIUM ION'
6 water water
#
loop_
_entity_poly.entity_id
_entity_poly.type
_entity_poly.pdbx_seq_one_letter_code
_entity_poly.pdbx_strand_id
1 'polypeptide(L)'
;ENVLTQSPAIMSPSPGEKVTMTCRARSSVSSSYLHWYQQKSGASPKLWIYSTSNLASGVPARFSGSGSGTSYSLTISSVE
AEDTATYYCQQYSGNPWTFGGGTKLEIKRADAAPTVSIFPPSSEQLTSGGASVVCFLNNFYPKDINVKWKIDGSERQNGV
LNSWTDQDSKDSTYSMSSTLTLTKDEYERHNSYTCEATHKTSTSPIVKSFNRNEC
;
A
2 'polypeptide(L)'
;DVQLQESGPGLVKPSQSLSLTCTVTGYSITSLYAWNWIRQFPGNKLEWMGYINYSGYTSYNPSLKSRISITRDTSKNQFF
LQLHSVTTEDTATYSCTRGVDYFAMDYWGQGASVTVSSAKTTAPSVYPLAPVCGDTTGSSVTLGCLVKGYFPEPVTLTWN
SGSLSSGVHTFPALLQSDLYTLSSSVTVTSNTWPSQSITCNVAHPASSTKVDKKIVPRD
;
B
3 'polypeptide(L)'
;IGDVMEHPLVELGVSYAALLSVIVVVVECTMQLSGEYLVRLYLVDLILVIILWADYAYRAYKSGDPAGYVKKTLYEIPAL
VPAGLLALIEGHLAGLGLFRLVRLLRFLRILLIISRGSKFLSAIADAADKIRFYHLFGAVMLTVLYGAFAIYIVEYPDPN
SSIKSVFDALWWAVVTATTVGYGDVVPATPIGKVIGIAVMLTGISALTLLIGTVSNMFQKILV
;
C
#
# COMPACT_ATOMS: atom_id res chain seq x y z
N GLU A 1 -14.42 -11.30 19.59
CA GLU A 1 -13.09 -11.68 19.00
C GLU A 1 -12.93 -13.19 19.05
N ASN A 2 -13.65 -13.91 18.18
CA ASN A 2 -13.58 -15.36 18.14
C ASN A 2 -12.16 -15.82 17.80
N VAL A 3 -11.29 -15.80 18.79
CA VAL A 3 -9.89 -16.16 18.62
C VAL A 3 -9.61 -17.58 18.14
N LEU A 4 -8.72 -17.68 17.14
CA LEU A 4 -8.34 -18.98 16.60
C LEU A 4 -6.97 -19.34 17.17
N THR A 5 -6.77 -20.61 17.52
CA THR A 5 -5.50 -21.06 18.08
C THR A 5 -4.90 -22.15 17.19
N GLN A 6 -3.67 -21.94 16.77
CA GLN A 6 -3.00 -22.89 15.91
C GLN A 6 -1.92 -23.70 16.61
N SER A 7 -1.76 -24.94 16.18
CA SER A 7 -0.76 -25.83 16.75
C SER A 7 -0.24 -26.82 15.73
N PRO A 8 1.06 -27.15 15.83
CA PRO A 8 1.97 -26.62 16.84
C PRO A 8 2.40 -25.20 16.48
N ALA A 9 3.29 -24.61 17.27
CA ALA A 9 3.76 -23.25 17.00
C ALA A 9 4.85 -23.31 15.94
N ILE A 10 5.73 -24.30 16.10
CA ILE A 10 6.81 -24.53 15.16
C ILE A 10 6.61 -25.98 14.78
N MET A 11 7.25 -26.40 13.70
CA MET A 11 7.09 -27.76 13.24
C MET A 11 8.25 -28.03 12.31
N SER A 12 9.01 -29.07 12.58
CA SER A 12 10.16 -29.41 11.75
C SER A 12 10.10 -30.77 11.07
N PRO A 13 9.18 -30.94 10.09
CA PRO A 13 8.98 -32.18 9.33
C PRO A 13 10.18 -32.51 8.46
N SER A 14 10.15 -33.65 7.83
CA SER A 14 11.26 -34.05 6.97
C SER A 14 10.75 -34.39 5.57
N PRO A 15 11.56 -34.13 4.54
CA PRO A 15 11.11 -34.44 3.18
C PRO A 15 10.53 -35.84 3.03
N GLY A 16 9.27 -35.90 2.61
CA GLY A 16 8.62 -37.19 2.41
C GLY A 16 7.58 -37.50 3.47
N GLU A 17 7.82 -36.98 4.67
CA GLU A 17 6.92 -37.22 5.79
C GLU A 17 5.54 -36.61 5.58
N LYS A 18 4.57 -37.10 6.35
CA LYS A 18 3.21 -36.57 6.29
C LYS A 18 3.18 -35.64 7.48
N VAL A 19 2.15 -34.83 7.61
CA VAL A 19 2.10 -33.94 8.75
C VAL A 19 0.80 -33.13 8.79
N THR A 20 0.32 -32.82 9.99
CA THR A 20 -0.92 -32.09 10.15
C THR A 20 -0.78 -30.89 11.07
N MET A 21 -1.64 -29.88 10.85
CA MET A 21 -1.66 -28.66 11.65
C MET A 21 -3.03 -28.56 12.29
N THR A 22 -3.19 -27.64 13.24
CA THR A 22 -4.48 -27.49 13.88
C THR A 22 -4.86 -26.04 14.11
N CYS A 23 -6.15 -25.76 14.02
CA CYS A 23 -6.68 -24.43 14.21
C CYS A 23 -7.98 -24.60 15.01
N ARG A 24 -8.01 -24.09 16.24
CA ARG A 24 -9.21 -24.23 17.05
C ARG A 24 -9.74 -22.88 17.46
N ALA A 25 -11.06 -22.71 17.36
CA ALA A 25 -11.70 -21.44 17.70
C ALA A 25 -12.44 -21.40 19.05
N ARG A 26 -12.49 -20.20 19.65
CA ARG A 26 -13.16 -19.99 20.93
C ARG A 26 -14.63 -20.37 20.75
N SER A 27 -15.27 -19.80 19.74
CA SER A 27 -16.66 -20.10 19.42
C SER A 27 -16.66 -21.05 18.21
N SER A 28 -17.82 -21.34 17.65
CA SER A 28 -17.86 -22.23 16.49
C SER A 28 -17.84 -21.38 15.23
N VAL A 29 -17.35 -21.97 14.14
CA VAL A 29 -17.27 -21.27 12.87
C VAL A 29 -17.85 -22.14 11.77
N SER A 30 -18.54 -21.51 10.83
CA SER A 30 -19.14 -22.25 9.72
C SER A 30 -18.04 -22.78 8.82
N SER A 31 -18.02 -24.09 8.62
CA SER A 31 -17.01 -24.74 7.78
C SER A 31 -16.69 -24.02 6.48
N SER A 32 -17.65 -23.26 5.95
CA SER A 32 -17.40 -22.57 4.69
C SER A 32 -16.77 -21.20 4.86
N TYR A 33 -16.52 -20.79 6.09
CA TYR A 33 -15.90 -19.49 6.34
C TYR A 33 -14.50 -19.65 6.90
N LEU A 34 -13.97 -20.86 6.82
CA LEU A 34 -12.63 -21.15 7.33
C LEU A 34 -11.68 -21.21 6.15
N HIS A 35 -10.58 -20.46 6.25
CA HIS A 35 -9.58 -20.43 5.17
C HIS A 35 -8.16 -20.48 5.70
N TRP A 36 -7.26 -20.98 4.85
CA TRP A 36 -5.86 -21.08 5.21
C TRP A 36 -5.03 -20.36 4.19
N TYR A 37 -3.99 -19.69 4.67
CA TYR A 37 -3.09 -18.97 3.81
C TYR A 37 -1.69 -19.45 4.08
N GLN A 38 -0.87 -19.43 3.04
CA GLN A 38 0.50 -19.88 3.15
C GLN A 38 1.44 -18.70 2.91
N GLN A 39 2.04 -18.19 3.99
CA GLN A 39 2.97 -17.07 3.90
C GLN A 39 4.43 -17.48 3.83
N LYS A 40 5.01 -17.41 2.63
CA LYS A 40 6.41 -17.75 2.41
C LYS A 40 7.24 -16.60 2.92
N SER A 41 8.45 -16.90 3.37
CA SER A 41 9.36 -15.87 3.89
C SER A 41 9.39 -14.59 3.04
N GLY A 42 9.15 -13.45 3.69
CA GLY A 42 9.19 -12.18 3.00
C GLY A 42 8.29 -11.96 1.79
N ALA A 43 7.05 -12.44 1.89
CA ALA A 43 6.04 -12.29 0.86
C ALA A 43 4.71 -12.13 1.60
N SER A 44 3.64 -11.75 0.91
CA SER A 44 2.37 -11.63 1.62
C SER A 44 1.67 -12.97 1.46
N PRO A 45 0.76 -13.31 2.38
CA PRO A 45 0.02 -14.58 2.35
C PRO A 45 -0.61 -14.90 1.01
N LYS A 46 -0.75 -16.20 0.74
CA LYS A 46 -1.40 -16.68 -0.47
C LYS A 46 -2.54 -17.56 0.00
N LEU A 47 -3.72 -17.41 -0.60
CA LEU A 47 -4.85 -18.27 -0.21
C LEU A 47 -4.46 -19.70 -0.54
N TRP A 48 -4.53 -20.58 0.44
CA TRP A 48 -4.14 -21.97 0.23
C TRP A 48 -5.29 -22.93 0.22
N ILE A 49 -6.26 -22.69 1.09
CA ILE A 49 -7.43 -23.55 1.20
C ILE A 49 -8.62 -22.72 1.65
N TYR A 50 -9.69 -22.70 0.86
CA TYR A 50 -10.84 -21.92 1.26
C TYR A 50 -11.96 -22.85 1.64
N SER A 51 -12.84 -22.35 2.49
CA SER A 51 -13.97 -23.12 2.96
C SER A 51 -13.49 -24.52 3.34
N THR A 52 -12.70 -24.54 4.41
CA THR A 52 -12.16 -25.75 4.98
C THR A 52 -11.42 -26.77 4.11
N SER A 53 -12.06 -27.33 3.10
CA SER A 53 -11.38 -28.36 2.32
C SER A 53 -11.07 -28.10 0.88
N ASN A 54 -11.55 -26.97 0.36
CA ASN A 54 -11.32 -26.64 -1.04
C ASN A 54 -9.97 -25.98 -1.28
N LEU A 55 -9.13 -26.67 -2.05
CA LEU A 55 -7.80 -26.16 -2.37
C LEU A 55 -7.91 -24.96 -3.30
N ALA A 56 -7.18 -23.91 -2.95
CA ALA A 56 -7.16 -22.69 -3.75
C ALA A 56 -6.45 -23.04 -5.05
N SER A 57 -6.17 -22.03 -5.86
CA SER A 57 -5.53 -22.24 -7.15
C SER A 57 -4.35 -23.20 -7.21
N GLY A 58 -3.19 -22.68 -7.62
CA GLY A 58 -1.97 -23.46 -7.78
C GLY A 58 -1.55 -24.48 -6.72
N VAL A 59 -2.29 -24.53 -5.62
CA VAL A 59 -2.01 -25.45 -4.52
C VAL A 59 -1.99 -26.90 -5.01
N PRO A 60 -0.92 -27.64 -4.70
CA PRO A 60 -0.78 -29.04 -5.12
C PRO A 60 -1.67 -29.90 -4.23
N ALA A 61 -2.03 -31.08 -4.74
CA ALA A 61 -2.89 -32.01 -4.03
C ALA A 61 -2.18 -32.74 -2.91
N ARG A 62 -0.93 -32.38 -2.66
CA ARG A 62 -0.20 -33.01 -1.56
C ARG A 62 -0.91 -32.43 -0.30
N PHE A 63 -1.59 -31.30 -0.50
CA PHE A 63 -2.31 -30.63 0.58
C PHE A 63 -3.75 -31.06 0.68
N SER A 64 -4.38 -30.69 1.78
CA SER A 64 -5.77 -31.01 2.04
C SER A 64 -6.21 -30.31 3.32
N GLY A 65 -7.51 -30.19 3.51
CA GLY A 65 -8.02 -29.56 4.70
C GLY A 65 -9.37 -30.12 5.09
N SER A 66 -9.62 -30.21 6.38
CA SER A 66 -10.88 -30.76 6.88
C SER A 66 -11.17 -30.30 8.30
N GLY A 67 -12.36 -30.63 8.78
CA GLY A 67 -12.74 -30.23 10.13
C GLY A 67 -14.08 -29.53 10.17
N SER A 68 -14.39 -28.95 11.32
CA SER A 68 -15.64 -28.22 11.53
C SER A 68 -15.82 -27.83 13.00
N GLY A 69 -16.82 -27.02 13.27
CA GLY A 69 -17.12 -26.59 14.63
C GLY A 69 -16.13 -25.63 15.27
N THR A 70 -15.26 -26.17 16.12
CA THR A 70 -14.24 -25.39 16.81
C THR A 70 -12.89 -26.09 16.68
N SER A 71 -12.73 -26.86 15.61
CA SER A 71 -11.48 -27.56 15.36
C SER A 71 -11.35 -27.95 13.89
N TYR A 72 -10.29 -27.44 13.26
CA TYR A 72 -10.00 -27.71 11.85
C TYR A 72 -8.56 -28.19 11.74
N SER A 73 -8.23 -28.81 10.61
CA SER A 73 -6.89 -29.36 10.41
C SER A 73 -6.35 -29.33 8.98
N LEU A 74 -5.20 -28.67 8.82
CA LEU A 74 -4.55 -28.61 7.51
C LEU A 74 -3.50 -29.72 7.42
N THR A 75 -3.57 -30.51 6.35
CA THR A 75 -2.65 -31.64 6.21
C THR A 75 -1.91 -31.81 4.88
N ILE A 76 -0.62 -32.10 5.00
CA ILE A 76 0.25 -32.31 3.83
C ILE A 76 0.57 -33.80 3.74
N SER A 77 0.03 -34.46 2.72
CA SER A 77 0.23 -35.89 2.50
C SER A 77 1.72 -36.20 2.46
N SER A 78 2.52 -35.19 2.18
CA SER A 78 3.96 -35.35 2.09
C SER A 78 4.57 -33.96 1.97
N VAL A 79 5.57 -33.67 2.80
CA VAL A 79 6.18 -32.36 2.73
C VAL A 79 7.28 -32.39 1.68
N GLU A 80 7.64 -31.20 1.22
CA GLU A 80 8.68 -31.00 0.23
C GLU A 80 9.24 -29.61 0.51
N ALA A 81 10.52 -29.41 0.20
CA ALA A 81 11.23 -28.13 0.41
C ALA A 81 10.34 -26.92 0.22
N GLU A 82 9.87 -26.73 -1.01
CA GLU A 82 8.99 -25.62 -1.37
C GLU A 82 7.89 -25.37 -0.30
N ASP A 83 7.78 -26.27 0.69
CA ASP A 83 6.76 -26.14 1.72
C ASP A 83 7.13 -25.27 2.90
N THR A 84 8.39 -24.86 3.00
CA THR A 84 8.83 -24.03 4.13
C THR A 84 8.00 -22.76 4.17
N ALA A 85 7.31 -22.53 5.27
CA ALA A 85 6.49 -21.31 5.38
C ALA A 85 5.73 -21.26 6.69
N THR A 86 4.71 -20.41 6.73
CA THR A 86 3.90 -20.29 7.93
C THR A 86 2.45 -20.32 7.47
N TYR A 87 1.64 -21.16 8.11
CA TYR A 87 0.25 -21.26 7.71
C TYR A 87 -0.67 -20.60 8.70
N TYR A 88 -1.58 -19.78 8.19
CA TYR A 88 -2.53 -19.09 9.04
C TYR A 88 -3.93 -19.43 8.60
N CYS A 89 -4.79 -19.73 9.56
CA CYS A 89 -6.18 -20.03 9.28
C CYS A 89 -6.91 -18.72 9.49
N GLN A 90 -8.07 -18.60 8.88
CA GLN A 90 -8.87 -17.39 8.97
C GLN A 90 -10.33 -17.79 9.15
N GLN A 91 -11.04 -17.07 10.01
CA GLN A 91 -12.44 -17.39 10.24
C GLN A 91 -13.28 -16.14 10.13
N TYR A 92 -14.57 -16.34 9.94
CA TYR A 92 -15.52 -15.25 9.90
C TYR A 92 -16.79 -15.67 10.58
N SER A 93 -16.99 -15.15 11.77
CA SER A 93 -18.19 -15.46 12.53
C SER A 93 -18.73 -14.10 12.88
N GLY A 94 -18.29 -13.61 14.03
CA GLY A 94 -18.69 -12.31 14.50
C GLY A 94 -18.27 -11.22 13.54
N ASN A 95 -18.38 -9.98 13.98
CA ASN A 95 -18.02 -8.85 13.15
C ASN A 95 -16.58 -8.87 12.68
N PRO A 96 -15.61 -9.04 13.61
CA PRO A 96 -14.18 -9.06 13.26
C PRO A 96 -13.67 -10.38 12.70
N TRP A 97 -12.93 -10.29 11.60
CA TRP A 97 -12.34 -11.46 10.96
C TRP A 97 -11.18 -11.83 11.89
N THR A 98 -10.62 -13.01 11.76
CA THR A 98 -9.55 -13.38 12.68
C THR A 98 -8.60 -14.43 12.13
N PHE A 99 -7.32 -14.27 12.43
CA PHE A 99 -6.31 -15.20 11.97
C PHE A 99 -5.65 -15.96 13.13
N GLY A 100 -5.11 -17.15 12.83
CA GLY A 100 -4.44 -17.93 13.85
C GLY A 100 -3.04 -17.36 14.07
N GLY A 101 -2.28 -17.93 15.00
CA GLY A 101 -0.95 -17.42 15.23
C GLY A 101 0.04 -17.94 14.19
N GLY A 102 -0.47 -18.67 13.21
CA GLY A 102 0.38 -19.23 12.17
C GLY A 102 1.13 -20.44 12.70
N THR A 103 1.71 -21.22 11.79
CA THR A 103 2.47 -22.40 12.17
C THR A 103 3.68 -22.54 11.27
N LYS A 104 4.82 -22.06 11.76
CA LYS A 104 6.05 -22.14 10.98
C LYS A 104 6.27 -23.61 10.65
N LEU A 105 7.03 -23.87 9.60
CA LEU A 105 7.28 -25.23 9.22
C LEU A 105 8.59 -25.24 8.46
N GLU A 106 9.63 -25.73 9.12
CA GLU A 106 10.94 -25.80 8.51
C GLU A 106 11.22 -27.27 8.21
N ILE A 107 11.73 -27.58 7.02
CA ILE A 107 12.02 -28.96 6.66
C ILE A 107 13.38 -29.36 7.23
N LYS A 108 13.58 -30.64 7.47
CA LYS A 108 14.87 -31.11 7.97
C LYS A 108 15.74 -31.49 6.78
N ARG A 109 16.98 -31.03 6.79
CA ARG A 109 17.88 -31.30 5.69
C ARG A 109 19.09 -32.12 6.14
N ALA A 110 19.85 -32.60 5.17
CA ALA A 110 21.05 -33.35 5.48
C ALA A 110 22.13 -32.36 5.91
N ASP A 111 22.56 -32.44 7.17
CA ASP A 111 23.61 -31.58 7.69
C ASP A 111 24.62 -31.32 6.60
N ALA A 112 24.80 -30.04 6.26
CA ALA A 112 25.75 -29.64 5.25
C ALA A 112 26.40 -28.32 5.67
N ALA A 113 27.73 -28.34 5.73
CA ALA A 113 28.53 -27.18 6.13
C ALA A 113 28.33 -25.94 5.26
N PRO A 114 28.74 -24.77 5.77
CA PRO A 114 28.59 -23.53 5.02
C PRO A 114 29.65 -23.39 3.95
N THR A 115 29.44 -22.41 3.08
CA THR A 115 30.39 -22.12 2.02
C THR A 115 30.74 -20.66 2.25
N VAL A 116 31.78 -20.44 3.04
CA VAL A 116 32.22 -19.10 3.40
C VAL A 116 32.93 -18.34 2.28
N SER A 117 32.66 -17.04 2.22
CA SER A 117 33.22 -16.13 1.23
C SER A 117 33.47 -14.84 1.96
N ILE A 118 34.65 -14.26 1.80
CA ILE A 118 34.96 -13.03 2.53
C ILE A 118 35.29 -11.87 1.61
N PHE A 119 34.81 -10.69 1.96
CA PHE A 119 35.05 -9.50 1.15
C PHE A 119 35.60 -8.34 1.95
N PRO A 120 36.67 -7.74 1.44
CA PRO A 120 37.32 -6.60 2.08
C PRO A 120 36.44 -5.37 1.86
N PRO A 121 36.81 -4.23 2.46
CA PRO A 121 35.96 -3.05 2.23
C PRO A 121 36.05 -2.70 0.75
N SER A 122 35.13 -1.86 0.26
CA SER A 122 35.15 -1.50 -1.15
C SER A 122 35.84 -0.18 -1.36
N SER A 123 36.69 -0.11 -2.37
CA SER A 123 37.40 1.13 -2.66
C SER A 123 36.45 2.31 -2.57
N GLU A 124 35.19 2.09 -2.94
CA GLU A 124 34.20 3.15 -2.88
C GLU A 124 34.04 3.63 -1.45
N GLN A 125 33.68 2.70 -0.58
CA GLN A 125 33.44 2.99 0.83
C GLN A 125 34.65 3.59 1.55
N LEU A 126 35.80 2.93 1.47
CA LEU A 126 37.00 3.43 2.12
C LEU A 126 37.12 4.93 1.85
N THR A 127 36.93 5.30 0.59
CA THR A 127 37.00 6.71 0.19
C THR A 127 35.98 7.53 0.98
N SER A 128 34.76 7.02 1.09
CA SER A 128 33.72 7.72 1.82
C SER A 128 34.11 7.82 3.30
N GLY A 129 35.20 7.14 3.66
CA GLY A 129 35.69 7.16 5.03
C GLY A 129 35.11 6.15 5.99
N GLY A 130 35.26 4.87 5.67
CA GLY A 130 34.75 3.80 6.51
C GLY A 130 35.26 2.49 5.94
N ALA A 131 35.14 1.39 6.69
CA ALA A 131 35.62 0.13 6.16
C ALA A 131 34.92 -1.08 6.77
N SER A 132 33.99 -1.66 6.03
CA SER A 132 33.27 -2.83 6.52
C SER A 132 33.77 -4.05 5.78
N VAL A 133 34.05 -5.12 6.51
CA VAL A 133 34.54 -6.36 5.92
C VAL A 133 33.42 -7.38 5.97
N VAL A 134 32.79 -7.67 4.82
CA VAL A 134 31.68 -8.64 4.76
C VAL A 134 32.13 -10.08 4.53
N CYS A 135 31.57 -11.00 5.31
CA CYS A 135 31.90 -12.41 5.22
C CYS A 135 30.58 -13.19 5.14
N PHE A 136 30.29 -13.75 3.97
CA PHE A 136 29.05 -14.50 3.77
C PHE A 136 29.25 -15.99 4.09
N LEU A 137 28.25 -16.59 4.71
CA LEU A 137 28.26 -18.02 5.02
C LEU A 137 26.96 -18.48 4.39
N ASN A 138 27.08 -19.03 3.18
CA ASN A 138 25.92 -19.47 2.40
C ASN A 138 25.48 -20.93 2.50
N ASN A 139 24.27 -21.17 1.99
CA ASN A 139 23.68 -22.49 1.93
C ASN A 139 24.25 -23.51 2.90
N PHE A 140 23.85 -23.44 4.16
CA PHE A 140 24.31 -24.39 5.15
C PHE A 140 23.14 -24.85 6.00
N TYR A 141 23.35 -25.93 6.73
CA TYR A 141 22.32 -26.50 7.59
C TYR A 141 23.00 -27.27 8.70
N PRO A 142 22.49 -27.17 9.94
CA PRO A 142 21.32 -26.40 10.37
C PRO A 142 21.58 -24.92 10.65
N LYS A 143 20.51 -24.19 10.93
CA LYS A 143 20.56 -22.76 11.18
C LYS A 143 21.62 -22.33 12.18
N ASP A 144 21.64 -22.97 13.35
CA ASP A 144 22.59 -22.65 14.40
C ASP A 144 24.03 -22.75 13.90
N ILE A 145 24.68 -21.59 13.78
CA ILE A 145 26.06 -21.52 13.32
C ILE A 145 26.66 -20.32 14.05
N ASN A 146 27.98 -20.23 14.07
CA ASN A 146 28.59 -19.11 14.75
C ASN A 146 29.84 -18.64 14.04
N VAL A 147 29.95 -17.33 13.90
CA VAL A 147 31.11 -16.70 13.28
C VAL A 147 31.90 -15.99 14.37
N LYS A 148 33.21 -15.95 14.20
CA LYS A 148 34.08 -15.29 15.15
C LYS A 148 35.10 -14.54 14.32
N TRP A 149 35.13 -13.22 14.47
CA TRP A 149 36.07 -12.38 13.72
C TRP A 149 37.43 -12.27 14.38
N LYS A 150 38.48 -12.36 13.58
CA LYS A 150 39.81 -12.25 14.13
C LYS A 150 40.64 -11.30 13.32
N ILE A 151 40.96 -10.16 13.92
CA ILE A 151 41.79 -9.15 13.28
C ILE A 151 43.18 -9.36 13.86
N ASP A 152 44.17 -9.56 13.00
CA ASP A 152 45.54 -9.80 13.45
C ASP A 152 45.62 -10.90 14.52
N GLY A 153 44.87 -11.99 14.30
CA GLY A 153 44.90 -13.09 15.24
C GLY A 153 44.09 -12.88 16.51
N SER A 154 43.64 -11.65 16.75
CA SER A 154 42.88 -11.34 17.96
C SER A 154 41.38 -11.27 17.67
N GLU A 155 40.59 -11.92 18.52
CA GLU A 155 39.13 -11.94 18.38
C GLU A 155 38.51 -10.55 18.55
N ARG A 156 37.51 -10.25 17.72
CA ARG A 156 36.82 -8.97 17.81
C ARG A 156 35.32 -9.15 17.88
N GLN A 157 34.70 -8.42 18.79
CA GLN A 157 33.26 -8.47 19.01
C GLN A 157 32.74 -7.07 18.70
N ASN A 158 33.60 -6.11 18.99
CA ASN A 158 33.32 -4.69 18.79
C ASN A 158 32.85 -4.36 17.38
N GLY A 159 31.58 -4.00 17.22
CA GLY A 159 31.06 -3.65 15.91
C GLY A 159 30.87 -4.74 14.86
N VAL A 160 30.03 -5.74 15.17
CA VAL A 160 29.74 -6.84 14.25
C VAL A 160 28.24 -7.03 14.16
N LEU A 161 27.72 -6.98 12.93
CA LEU A 161 26.30 -7.08 12.64
C LEU A 161 25.98 -8.38 11.89
N ASN A 162 25.13 -9.23 12.46
CA ASN A 162 24.78 -10.48 11.80
C ASN A 162 23.35 -10.55 11.28
N SER A 163 23.16 -11.22 10.16
CA SER A 163 21.84 -11.35 9.57
C SER A 163 21.64 -12.75 8.98
N TRP A 164 20.48 -13.33 9.24
CA TRP A 164 20.17 -14.66 8.75
C TRP A 164 18.99 -14.70 7.80
N THR A 165 19.13 -15.46 6.74
CA THR A 165 18.04 -15.62 5.78
C THR A 165 17.19 -16.71 6.38
N ASP A 166 15.88 -16.70 6.11
CA ASP A 166 15.07 -17.76 6.67
C ASP A 166 15.37 -18.98 5.82
N GLN A 167 14.74 -20.09 6.13
CA GLN A 167 15.01 -21.30 5.39
C GLN A 167 14.75 -21.18 3.90
N ASP A 168 15.73 -21.61 3.11
CA ASP A 168 15.67 -21.59 1.66
C ASP A 168 14.65 -22.58 1.07
N SER A 169 13.91 -22.15 0.07
CA SER A 169 12.92 -23.02 -0.55
C SER A 169 13.53 -24.13 -1.39
N LYS A 170 14.44 -23.76 -2.29
CA LYS A 170 15.08 -24.76 -3.14
C LYS A 170 15.72 -25.93 -2.39
N ASP A 171 16.75 -25.64 -1.59
CA ASP A 171 17.46 -26.69 -0.86
C ASP A 171 17.17 -26.80 0.63
N SER A 172 16.34 -25.91 1.15
CA SER A 172 15.99 -25.96 2.56
C SER A 172 17.19 -25.78 3.49
N THR A 173 18.10 -24.87 3.12
CA THR A 173 19.28 -24.58 3.92
C THR A 173 19.14 -23.13 4.36
N TYR A 174 20.13 -22.65 5.09
CA TYR A 174 20.13 -21.27 5.55
C TYR A 174 21.39 -20.58 5.06
N SER A 175 21.45 -19.28 5.27
CA SER A 175 22.63 -18.53 4.88
C SER A 175 22.80 -17.45 5.91
N MET A 176 23.93 -16.76 5.86
CA MET A 176 24.14 -15.72 6.83
C MET A 176 25.28 -14.81 6.48
N SER A 177 25.16 -13.54 6.85
CA SER A 177 26.18 -12.55 6.59
C SER A 177 26.47 -11.89 7.91
N SER A 178 27.72 -11.52 8.09
CA SER A 178 28.15 -10.81 9.28
C SER A 178 29.11 -9.77 8.73
N THR A 179 28.88 -8.53 9.11
CA THR A 179 29.73 -7.47 8.62
C THR A 179 30.51 -6.75 9.71
N LEU A 180 31.84 -6.91 9.69
CA LEU A 180 32.69 -6.22 10.64
C LEU A 180 32.90 -4.81 10.11
N THR A 181 32.58 -3.78 10.91
CA THR A 181 32.76 -2.43 10.42
C THR A 181 33.67 -1.53 11.25
N LEU A 182 34.83 -1.30 10.69
CA LEU A 182 35.82 -0.46 11.32
C LEU A 182 35.81 0.88 10.59
N THR A 183 36.51 1.86 11.14
CA THR A 183 36.62 3.16 10.50
C THR A 183 37.72 2.95 9.47
N LYS A 184 37.92 3.91 8.58
CA LYS A 184 38.96 3.72 7.59
C LYS A 184 40.32 3.64 8.29
N ASP A 185 40.44 4.37 9.40
CA ASP A 185 41.69 4.39 10.14
C ASP A 185 41.96 3.06 10.80
N GLU A 186 41.09 2.65 11.71
CA GLU A 186 41.33 1.38 12.37
C GLU A 186 41.58 0.29 11.36
N TYR A 187 40.92 0.35 10.22
CA TYR A 187 41.12 -0.67 9.20
C TYR A 187 42.53 -0.71 8.64
N GLU A 188 43.03 0.44 8.19
CA GLU A 188 44.38 0.51 7.61
C GLU A 188 45.48 0.50 8.67
N ARG A 189 45.18 -0.03 9.85
CA ARG A 189 46.14 -0.11 10.93
C ARG A 189 46.38 -1.54 11.35
N HIS A 190 45.47 -2.43 10.96
CA HIS A 190 45.61 -3.85 11.27
C HIS A 190 45.95 -4.47 9.93
N ASN A 191 46.45 -5.70 9.92
CA ASN A 191 46.80 -6.27 8.63
C ASN A 191 45.99 -7.47 8.13
N SER A 192 45.76 -8.45 8.99
CA SER A 192 45.01 -9.61 8.57
C SER A 192 43.62 -9.61 9.16
N TYR A 193 42.61 -9.86 8.32
CA TYR A 193 41.23 -9.95 8.78
C TYR A 193 40.76 -11.31 8.38
N THR A 194 40.19 -12.05 9.32
CA THR A 194 39.71 -13.38 9.01
C THR A 194 38.46 -13.70 9.81
N CYS A 195 37.53 -14.41 9.19
CA CYS A 195 36.31 -14.82 9.89
C CYS A 195 36.32 -16.33 9.95
N GLU A 196 36.06 -16.86 11.14
CA GLU A 196 36.03 -18.30 11.41
C GLU A 196 34.59 -18.77 11.63
N ALA A 197 34.10 -19.62 10.74
CA ALA A 197 32.73 -20.12 10.84
C ALA A 197 32.71 -21.49 11.49
N THR A 198 32.49 -21.50 12.81
CA THR A 198 32.44 -22.76 13.54
C THR A 198 31.04 -23.32 13.32
N HIS A 199 30.91 -24.63 13.25
CA HIS A 199 29.58 -25.21 12.98
C HIS A 199 29.47 -26.73 13.20
N LYS A 200 28.27 -27.17 13.57
CA LYS A 200 27.99 -28.59 13.83
C LYS A 200 28.66 -29.54 12.83
N THR A 201 28.62 -29.21 11.54
CA THR A 201 29.21 -30.04 10.50
C THR A 201 30.62 -30.56 10.83
N SER A 202 31.49 -29.68 11.35
CA SER A 202 32.87 -30.08 11.68
C SER A 202 33.34 -29.73 13.09
N THR A 203 34.46 -30.31 13.48
CA THR A 203 35.06 -30.08 14.78
C THR A 203 35.80 -28.75 14.70
N SER A 204 36.66 -28.63 13.69
CA SER A 204 37.43 -27.41 13.43
C SER A 204 36.58 -26.58 12.46
N PRO A 205 36.66 -25.25 12.54
CA PRO A 205 35.88 -24.38 11.67
C PRO A 205 36.43 -24.10 10.28
N ILE A 206 35.53 -23.69 9.37
CA ILE A 206 35.94 -23.32 8.01
C ILE A 206 36.43 -21.92 8.25
N VAL A 207 37.40 -21.46 7.47
CA VAL A 207 37.90 -20.13 7.70
C VAL A 207 38.46 -19.49 6.46
N LYS A 208 37.97 -18.30 6.15
CA LYS A 208 38.46 -17.56 5.01
C LYS A 208 39.15 -16.33 5.57
N SER A 209 40.07 -15.76 4.81
CA SER A 209 40.79 -14.61 5.30
C SER A 209 41.64 -13.90 4.23
N PHE A 210 42.07 -12.68 4.53
CA PHE A 210 42.88 -11.92 3.59
C PHE A 210 43.70 -10.89 4.35
N ASN A 211 44.83 -10.47 3.76
CA ASN A 211 45.68 -9.46 4.39
C ASN A 211 45.49 -8.19 3.60
N ARG A 212 45.35 -7.08 4.31
CA ARG A 212 45.12 -5.79 3.66
C ARG A 212 46.00 -5.51 2.43
N ASN A 213 47.18 -6.12 2.38
CA ASN A 213 48.09 -5.91 1.24
C ASN A 213 47.69 -6.77 0.02
N GLU A 214 46.86 -6.18 -0.84
CA GLU A 214 46.36 -6.87 -2.03
C GLU A 214 47.29 -6.83 -3.26
N CYS A 215 47.03 -7.74 -4.21
CA CYS A 215 47.80 -7.86 -5.47
C CYS A 215 47.23 -7.01 -6.64
N ASP B 1 -4.62 -12.93 -12.50
CA ASP B 1 -4.88 -12.02 -13.66
C ASP B 1 -5.24 -10.62 -13.15
N VAL B 2 -5.24 -10.45 -11.83
CA VAL B 2 -5.57 -9.17 -11.18
C VAL B 2 -4.45 -8.79 -10.23
N GLN B 3 -4.46 -7.54 -9.77
CA GLN B 3 -3.48 -7.10 -8.80
C GLN B 3 -3.78 -5.76 -8.17
N LEU B 4 -3.57 -5.71 -6.86
CA LEU B 4 -3.77 -4.51 -6.07
C LEU B 4 -2.37 -4.02 -5.72
N GLN B 5 -2.21 -2.72 -5.43
CA GLN B 5 -0.89 -2.17 -5.14
C GLN B 5 -0.91 -1.13 -4.02
N GLU B 6 -0.36 -1.50 -2.86
CA GLU B 6 -0.30 -0.61 -1.72
C GLU B 6 0.67 0.48 -2.12
N SER B 7 0.46 1.67 -1.61
CA SER B 7 1.36 2.76 -1.92
C SER B 7 1.12 3.87 -0.91
N GLY B 8 2.16 4.61 -0.60
CA GLY B 8 2.02 5.70 0.34
C GLY B 8 3.23 5.92 1.20
N PRO B 9 3.12 6.78 2.23
CA PRO B 9 4.25 7.05 3.11
C PRO B 9 4.66 5.78 3.84
N GLY B 10 5.98 5.58 3.94
CA GLY B 10 6.49 4.42 4.62
C GLY B 10 6.88 4.74 6.05
N LEU B 11 6.67 6.00 6.41
CA LEU B 11 6.99 6.47 7.76
C LEU B 11 6.04 7.57 8.23
N VAL B 12 5.57 7.48 9.48
CA VAL B 12 4.69 8.50 10.03
C VAL B 12 5.01 8.79 11.48
N LYS B 13 5.01 10.07 11.83
CA LYS B 13 5.32 10.50 13.18
C LYS B 13 4.19 10.22 14.16
N PRO B 14 4.55 9.79 15.37
CA PRO B 14 3.57 9.50 16.42
C PRO B 14 2.40 10.47 16.44
N SER B 15 1.20 9.90 16.49
CA SER B 15 -0.03 10.67 16.49
C SER B 15 -0.09 11.60 15.28
N GLN B 16 -0.39 11.00 14.14
CA GLN B 16 -0.52 11.67 12.86
C GLN B 16 -1.28 10.60 12.06
N SER B 17 -2.05 11.01 11.05
CA SER B 17 -2.80 10.01 10.31
C SER B 17 -2.01 9.18 9.29
N LEU B 18 -2.05 7.86 9.48
CA LEU B 18 -1.36 6.92 8.59
C LEU B 18 -2.25 6.79 7.38
N SER B 19 -1.70 6.94 6.19
CA SER B 19 -2.52 6.83 4.98
C SER B 19 -2.00 5.87 3.94
N LEU B 20 -2.92 5.24 3.21
CA LEU B 20 -2.53 4.29 2.18
C LEU B 20 -3.50 4.31 1.02
N THR B 21 -3.00 3.98 -0.18
CA THR B 21 -3.81 3.97 -1.38
C THR B 21 -3.62 2.71 -2.17
N CYS B 22 -4.60 1.82 -2.12
CA CYS B 22 -4.54 0.57 -2.86
C CYS B 22 -5.21 0.70 -4.21
N THR B 23 -4.45 0.57 -5.28
CA THR B 23 -5.07 0.71 -6.58
C THR B 23 -5.06 -0.63 -7.29
N VAL B 24 -6.26 -1.19 -7.39
CA VAL B 24 -6.48 -2.49 -8.00
C VAL B 24 -6.67 -2.40 -9.50
N THR B 25 -6.24 -3.44 -10.20
CA THR B 25 -6.33 -3.49 -11.66
C THR B 25 -6.62 -4.88 -12.19
N GLY B 26 -7.52 -4.95 -13.18
CA GLY B 26 -7.89 -6.24 -13.74
C GLY B 26 -9.27 -6.62 -13.23
N TYR B 27 -9.83 -5.75 -12.40
CA TYR B 27 -11.14 -5.95 -11.82
C TYR B 27 -11.68 -4.62 -11.29
N SER B 28 -12.99 -4.54 -11.15
CA SER B 28 -13.58 -3.31 -10.64
C SER B 28 -13.98 -3.44 -9.19
N ILE B 29 -13.63 -2.45 -8.39
CA ILE B 29 -13.99 -2.51 -6.98
C ILE B 29 -15.47 -2.21 -6.80
N THR B 30 -16.13 -1.90 -7.91
CA THR B 30 -17.55 -1.58 -7.84
C THR B 30 -18.42 -2.65 -8.48
N SER B 31 -17.83 -3.78 -8.81
CA SER B 31 -18.58 -4.85 -9.43
C SER B 31 -18.96 -5.94 -8.45
N LEU B 32 -18.08 -6.25 -7.51
CA LEU B 32 -18.42 -7.30 -6.58
C LEU B 32 -17.27 -7.55 -5.60
N TYR B 33 -17.54 -8.38 -4.61
CA TYR B 33 -16.55 -8.73 -3.61
C TYR B 33 -16.20 -7.55 -2.71
N ALA B 34 -15.58 -7.84 -1.58
CA ALA B 34 -15.17 -6.81 -0.63
C ALA B 34 -13.67 -6.57 -0.74
N TRP B 35 -13.28 -5.30 -0.62
CA TRP B 35 -11.87 -4.90 -0.69
C TRP B 35 -11.44 -4.43 0.67
N ASN B 36 -10.65 -5.24 1.35
CA ASN B 36 -10.23 -4.88 2.70
C ASN B 36 -8.73 -4.66 2.96
N TRP B 37 -8.42 -4.04 4.08
CA TRP B 37 -7.06 -3.78 4.47
C TRP B 37 -6.61 -4.73 5.57
N ILE B 38 -5.48 -5.41 5.37
CA ILE B 38 -4.95 -6.33 6.36
C ILE B 38 -3.55 -5.90 6.78
N ARG B 39 -3.34 -5.70 8.08
CA ARG B 39 -2.02 -5.32 8.54
C ARG B 39 -1.35 -6.45 9.31
N GLN B 40 -0.05 -6.58 9.09
CA GLN B 40 0.72 -7.63 9.73
C GLN B 40 1.76 -7.02 10.64
N PHE B 41 1.64 -7.34 11.93
CA PHE B 41 2.54 -6.83 12.96
C PHE B 41 3.92 -7.44 12.94
N PRO B 42 4.89 -6.79 13.61
CA PRO B 42 6.24 -7.33 13.64
C PRO B 42 6.31 -8.76 14.19
N GLY B 43 5.47 -9.06 15.18
CA GLY B 43 5.46 -10.42 15.71
C GLY B 43 4.92 -11.41 14.69
N ASN B 44 4.50 -10.86 13.55
CA ASN B 44 3.92 -11.63 12.45
C ASN B 44 2.49 -12.02 12.70
N LYS B 45 1.80 -11.19 13.49
CA LYS B 45 0.39 -11.37 13.79
C LYS B 45 -0.39 -10.78 12.61
N LEU B 46 -1.54 -11.35 12.28
CA LEU B 46 -2.33 -10.81 11.19
C LEU B 46 -3.60 -10.25 11.78
N GLU B 47 -3.85 -8.96 11.57
CA GLU B 47 -5.07 -8.37 12.10
C GLU B 47 -5.90 -7.74 11.00
N TRP B 48 -7.10 -8.27 10.75
CA TRP B 48 -7.98 -7.71 9.74
C TRP B 48 -8.39 -6.32 10.24
N MET B 49 -8.36 -5.31 9.39
CA MET B 49 -8.74 -3.99 9.83
C MET B 49 -10.18 -3.62 9.47
N GLY B 50 -10.58 -3.95 8.25
CA GLY B 50 -11.92 -3.62 7.82
C GLY B 50 -11.97 -3.57 6.30
N TYR B 51 -13.15 -3.33 5.74
CA TYR B 51 -13.26 -3.28 4.31
C TYR B 51 -14.31 -2.31 3.85
N ILE B 52 -14.45 -2.26 2.53
CA ILE B 52 -15.43 -1.45 1.83
C ILE B 52 -15.73 -2.32 0.63
N ASN B 53 -17.01 -2.60 0.36
CA ASN B 53 -17.34 -3.45 -0.77
C ASN B 53 -17.88 -2.79 -2.05
N TYR B 54 -18.09 -3.63 -3.06
CA TYR B 54 -18.57 -3.18 -4.35
C TYR B 54 -19.65 -2.14 -4.24
N SER B 55 -20.52 -2.26 -3.25
CA SER B 55 -21.59 -1.29 -3.08
C SER B 55 -21.11 -0.06 -2.29
N GLY B 56 -19.90 -0.13 -1.76
CA GLY B 56 -19.36 0.99 -0.99
C GLY B 56 -19.76 1.06 0.46
N TYR B 57 -20.14 -0.08 1.04
CA TYR B 57 -20.54 -0.12 2.44
C TYR B 57 -19.36 -0.66 3.24
N THR B 58 -18.92 0.15 4.18
CA THR B 58 -17.77 -0.19 5.01
C THR B 58 -18.02 -0.98 6.28
N SER B 59 -17.16 -1.96 6.51
CA SER B 59 -17.21 -2.81 7.69
C SER B 59 -15.81 -2.75 8.31
N TYR B 60 -15.68 -2.05 9.43
CA TYR B 60 -14.40 -1.92 10.09
C TYR B 60 -14.27 -2.94 11.22
N ASN B 61 -13.09 -3.00 11.83
CA ASN B 61 -12.84 -3.91 12.93
C ASN B 61 -13.07 -3.10 14.19
N PRO B 62 -13.84 -3.63 15.13
CA PRO B 62 -14.16 -2.98 16.41
C PRO B 62 -13.03 -2.22 17.11
N SER B 63 -11.88 -2.87 17.20
CA SER B 63 -10.69 -2.30 17.85
C SER B 63 -10.21 -0.99 17.21
N LEU B 64 -10.28 -0.92 15.90
CA LEU B 64 -9.83 0.26 15.16
C LEU B 64 -10.99 1.20 14.87
N LYS B 65 -12.20 0.68 14.99
CA LYS B 65 -13.44 1.38 14.72
C LYS B 65 -13.45 2.91 14.92
N SER B 66 -12.78 3.39 15.97
CA SER B 66 -12.76 4.83 16.26
C SER B 66 -11.59 5.59 15.63
N ARG B 67 -10.80 4.92 14.82
CA ARG B 67 -9.65 5.55 14.18
C ARG B 67 -9.64 5.31 12.68
N ILE B 68 -10.03 4.10 12.29
CA ILE B 68 -10.03 3.69 10.90
C ILE B 68 -11.13 4.25 10.03
N SER B 69 -10.80 4.43 8.76
CA SER B 69 -11.74 4.94 7.79
C SER B 69 -11.36 4.50 6.38
N ILE B 70 -12.01 3.44 5.93
CA ILE B 70 -11.76 2.91 4.61
C ILE B 70 -12.67 3.64 3.64
N THR B 71 -12.08 4.19 2.58
CA THR B 71 -12.81 4.92 1.56
C THR B 71 -12.33 4.43 0.18
N ARG B 72 -12.89 5.00 -0.89
CA ARG B 72 -12.50 4.56 -2.23
C ARG B 72 -12.75 5.63 -3.26
N ASP B 73 -12.18 5.42 -4.44
CA ASP B 73 -12.36 6.33 -5.55
C ASP B 73 -12.64 5.51 -6.79
N THR B 74 -13.93 5.20 -6.92
CA THR B 74 -14.49 4.42 -8.02
C THR B 74 -13.88 4.78 -9.36
N SER B 75 -13.68 6.08 -9.56
CA SER B 75 -13.13 6.59 -10.80
C SER B 75 -11.81 5.92 -11.19
N LYS B 76 -10.80 6.02 -10.32
CA LYS B 76 -9.47 5.45 -10.56
C LYS B 76 -9.30 3.97 -10.14
N ASN B 77 -10.35 3.38 -9.60
CA ASN B 77 -10.36 1.99 -9.18
C ASN B 77 -9.30 1.77 -8.14
N GLN B 78 -9.51 2.41 -6.99
CA GLN B 78 -8.59 2.30 -5.86
C GLN B 78 -9.27 2.79 -4.59
N PHE B 79 -9.12 2.04 -3.50
CA PHE B 79 -9.70 2.42 -2.22
C PHE B 79 -8.55 2.74 -1.28
N PHE B 80 -8.81 3.49 -0.21
CA PHE B 80 -7.73 3.84 0.69
C PHE B 80 -8.02 3.61 2.17
N LEU B 81 -6.95 3.57 2.96
CA LEU B 81 -7.04 3.37 4.41
C LEU B 81 -6.54 4.61 5.14
N GLN B 82 -7.22 4.98 6.22
CA GLN B 82 -6.79 6.13 7.00
C GLN B 82 -6.89 5.79 8.48
N LEU B 83 -5.80 6.03 9.21
CA LEU B 83 -5.74 5.75 10.63
C LEU B 83 -5.38 6.99 11.40
N HIS B 84 -6.32 7.48 12.21
CA HIS B 84 -6.07 8.67 13.00
C HIS B 84 -5.16 8.38 14.18
N SER B 85 -4.24 9.30 14.44
CA SER B 85 -3.31 9.18 15.55
C SER B 85 -2.73 7.79 15.78
N VAL B 86 -1.77 7.41 14.95
CA VAL B 86 -1.13 6.11 15.11
C VAL B 86 -0.14 6.19 16.25
N THR B 87 0.32 5.05 16.73
CA THR B 87 1.29 4.99 17.81
C THR B 87 2.32 3.94 17.49
N THR B 88 3.42 3.97 18.23
CA THR B 88 4.50 3.02 18.03
C THR B 88 3.97 1.62 17.74
N GLU B 89 2.85 1.27 18.33
CA GLU B 89 2.29 -0.05 18.11
C GLU B 89 1.69 -0.25 16.73
N ASP B 90 1.21 0.83 16.12
CA ASP B 90 0.60 0.71 14.80
C ASP B 90 1.61 0.42 13.70
N THR B 91 2.89 0.34 14.05
CA THR B 91 3.88 0.03 13.03
C THR B 91 3.71 -1.40 12.58
N ALA B 92 3.45 -1.59 11.29
CA ALA B 92 3.26 -2.92 10.75
C ALA B 92 3.30 -2.87 9.23
N THR B 93 2.94 -3.98 8.60
CA THR B 93 2.92 -4.04 7.15
C THR B 93 1.48 -4.11 6.68
N TYR B 94 1.00 -2.99 6.13
CA TYR B 94 -0.35 -2.91 5.65
C TYR B 94 -0.45 -3.40 4.20
N SER B 95 -1.54 -4.09 3.89
CA SER B 95 -1.73 -4.60 2.55
C SER B 95 -3.21 -4.77 2.30
N CYS B 96 -3.58 -4.70 1.02
CA CYS B 96 -4.95 -4.84 0.60
C CYS B 96 -5.21 -6.17 -0.10
N THR B 97 -6.35 -6.76 0.20
CA THR B 97 -6.71 -8.02 -0.37
C THR B 97 -8.11 -7.89 -0.88
N ARG B 98 -8.56 -8.89 -1.63
CA ARG B 98 -9.90 -8.89 -2.18
C ARG B 98 -10.68 -10.04 -1.57
N GLY B 99 -11.73 -9.69 -0.83
CA GLY B 99 -12.57 -10.68 -0.19
C GLY B 99 -13.54 -11.26 -1.19
N VAL B 100 -13.61 -12.58 -1.23
CA VAL B 100 -14.48 -13.25 -2.18
C VAL B 100 -15.66 -13.94 -1.47
N ASP B 101 -16.12 -15.08 -1.99
CA ASP B 101 -17.23 -15.81 -1.40
C ASP B 101 -16.82 -16.32 -0.05
N TYR B 102 -17.69 -16.12 0.94
CA TYR B 102 -17.40 -16.56 2.30
C TYR B 102 -16.12 -15.87 2.79
N PHE B 103 -15.85 -14.71 2.19
CA PHE B 103 -14.71 -13.88 2.56
C PHE B 103 -13.29 -14.44 2.45
N ALA B 104 -13.09 -15.46 1.65
CA ALA B 104 -11.74 -15.97 1.46
C ALA B 104 -11.07 -14.89 0.63
N MET B 105 -9.90 -14.43 1.07
CA MET B 105 -9.17 -13.38 0.36
C MET B 105 -8.26 -14.07 -0.66
N ASP B 106 -8.54 -13.86 -1.94
CA ASP B 106 -7.74 -14.53 -2.95
C ASP B 106 -6.61 -13.67 -3.51
N TYR B 107 -6.79 -12.36 -3.55
CA TYR B 107 -5.74 -11.49 -4.08
C TYR B 107 -5.14 -10.49 -3.09
N TRP B 108 -3.92 -10.77 -2.65
CA TRP B 108 -3.18 -9.93 -1.73
C TRP B 108 -2.22 -9.00 -2.47
N GLY B 109 -2.12 -7.76 -2.01
CA GLY B 109 -1.20 -6.82 -2.61
C GLY B 109 0.22 -7.10 -2.15
N GLN B 110 1.20 -6.44 -2.78
CA GLN B 110 2.61 -6.60 -2.46
C GLN B 110 2.91 -6.61 -0.97
N GLY B 111 2.15 -5.80 -0.22
CA GLY B 111 2.35 -5.66 1.21
C GLY B 111 3.14 -4.37 1.39
N ALA B 112 2.63 -3.41 2.14
CA ALA B 112 3.34 -2.15 2.31
C ALA B 112 3.83 -1.87 3.72
N SER B 113 5.13 -1.74 3.89
CA SER B 113 5.66 -1.47 5.22
C SER B 113 5.42 -0.03 5.63
N VAL B 114 5.10 0.16 6.90
CA VAL B 114 4.85 1.47 7.46
C VAL B 114 5.37 1.52 8.89
N THR B 115 6.34 2.39 9.07
CA THR B 115 6.99 2.60 10.36
C THR B 115 6.47 3.86 11.02
N VAL B 116 6.15 3.78 12.30
CA VAL B 116 5.70 4.96 13.01
C VAL B 116 6.87 5.32 13.91
N SER B 117 7.42 6.52 13.70
CA SER B 117 8.55 6.95 14.50
C SER B 117 8.98 8.40 14.26
N SER B 118 9.66 8.95 15.26
CA SER B 118 10.14 10.32 15.21
C SER B 118 11.47 10.38 14.50
N ALA B 119 12.13 9.23 14.42
CA ALA B 119 13.42 9.13 13.75
C ALA B 119 13.36 9.70 12.36
N LYS B 120 14.41 10.40 11.95
CA LYS B 120 14.42 10.98 10.62
C LYS B 120 14.75 9.95 9.56
N THR B 121 14.03 10.03 8.45
CA THR B 121 14.23 9.12 7.33
C THR B 121 15.59 9.47 6.71
N THR B 122 16.49 8.49 6.60
CA THR B 122 17.81 8.74 6.03
C THR B 122 18.13 7.83 4.85
N ALA B 123 18.90 8.36 3.89
CA ALA B 123 19.26 7.59 2.70
C ALA B 123 20.42 6.65 2.89
N PRO B 124 20.39 5.51 2.19
CA PRO B 124 21.46 4.53 2.31
C PRO B 124 22.59 4.69 1.31
N SER B 125 23.74 4.15 1.65
CA SER B 125 24.89 4.17 0.76
C SER B 125 25.06 2.69 0.42
N VAL B 126 25.31 2.38 -0.85
CA VAL B 126 25.46 0.98 -1.20
C VAL B 126 26.83 0.76 -1.85
N TYR B 127 27.50 -0.31 -1.44
CA TYR B 127 28.83 -0.59 -1.92
C TYR B 127 28.91 -1.92 -2.62
N PRO B 128 29.85 -2.06 -3.56
CA PRO B 128 30.04 -3.29 -4.32
C PRO B 128 30.98 -4.23 -3.63
N LEU B 129 30.50 -5.39 -3.21
CA LEU B 129 31.36 -6.35 -2.57
C LEU B 129 31.87 -7.26 -3.66
N ALA B 130 33.03 -6.91 -4.21
CA ALA B 130 33.64 -7.70 -5.26
C ALA B 130 34.66 -8.58 -4.57
N PRO B 131 34.63 -9.87 -4.84
CA PRO B 131 35.55 -10.86 -4.24
C PRO B 131 37.00 -10.44 -3.98
N VAL B 132 37.66 -11.24 -3.16
CA VAL B 132 39.07 -11.05 -2.79
C VAL B 132 39.91 -11.01 -4.05
N CYS B 133 41.22 -10.84 -3.90
CA CYS B 133 42.10 -10.81 -5.06
C CYS B 133 42.73 -12.19 -5.28
N GLY B 134 41.88 -13.16 -5.65
CA GLY B 134 42.35 -14.51 -5.88
C GLY B 134 41.69 -15.56 -4.99
N ASP B 135 40.36 -15.59 -4.99
CA ASP B 135 39.60 -16.56 -4.18
C ASP B 135 38.99 -17.63 -5.09
N THR B 136 39.86 -18.45 -5.72
CA THR B 136 39.40 -19.52 -6.60
C THR B 136 39.07 -20.76 -5.76
N THR B 137 37.93 -20.70 -5.07
CA THR B 137 37.45 -21.81 -4.23
C THR B 137 37.07 -22.99 -5.14
N GLY B 138 36.65 -22.65 -6.35
CA GLY B 138 36.25 -23.64 -7.33
C GLY B 138 35.80 -23.00 -8.63
N SER B 139 34.77 -23.60 -9.21
CA SER B 139 34.20 -23.13 -10.46
C SER B 139 33.06 -22.16 -10.17
N SER B 140 32.86 -21.87 -8.90
CA SER B 140 31.80 -20.98 -8.46
C SER B 140 32.36 -19.62 -8.03
N VAL B 141 31.58 -18.56 -8.24
CA VAL B 141 32.03 -17.21 -7.86
C VAL B 141 30.94 -16.43 -7.13
N THR B 142 31.27 -15.88 -5.98
CA THR B 142 30.29 -15.11 -5.22
C THR B 142 30.66 -13.66 -5.06
N LEU B 143 29.66 -12.80 -5.23
CA LEU B 143 29.81 -11.37 -5.13
C LEU B 143 28.72 -10.85 -4.20
N GLY B 144 28.79 -9.58 -3.82
CA GLY B 144 27.77 -9.08 -2.93
C GLY B 144 27.55 -7.60 -2.97
N CYS B 145 26.46 -7.17 -2.34
CA CYS B 145 26.07 -5.79 -2.27
C CYS B 145 25.73 -5.44 -0.83
N LEU B 146 26.36 -4.40 -0.32
CA LEU B 146 26.15 -3.96 1.05
C LEU B 146 25.40 -2.63 1.04
N VAL B 147 24.20 -2.61 1.60
CA VAL B 147 23.42 -1.39 1.64
C VAL B 147 23.33 -1.00 3.10
N LYS B 148 23.98 0.09 3.50
CA LYS B 148 23.90 0.46 4.90
C LYS B 148 23.53 1.85 5.29
N GLY B 149 22.94 1.92 6.49
CA GLY B 149 22.51 3.17 7.08
C GLY B 149 21.29 3.86 6.51
N TYR B 150 20.14 3.21 6.53
CA TYR B 150 18.97 3.85 5.98
C TYR B 150 17.79 3.78 6.90
N PHE B 151 16.82 4.64 6.67
CA PHE B 151 15.62 4.64 7.46
C PHE B 151 14.53 5.33 6.69
N PRO B 152 13.31 4.80 6.73
CA PRO B 152 13.02 3.59 7.48
C PRO B 152 13.10 2.41 6.55
N GLU B 153 12.63 1.27 7.02
CA GLU B 153 12.57 0.07 6.22
C GLU B 153 11.39 0.44 5.31
N PRO B 154 11.34 -0.10 4.08
CA PRO B 154 12.22 -1.01 3.39
C PRO B 154 13.05 -0.41 2.30
N VAL B 155 13.95 -1.25 1.78
CA VAL B 155 14.86 -0.92 0.71
C VAL B 155 14.64 -2.10 -0.25
N THR B 156 14.76 -1.86 -1.55
CA THR B 156 14.55 -2.93 -2.53
C THR B 156 15.85 -3.25 -3.22
N LEU B 157 16.20 -4.53 -3.30
CA LEU B 157 17.45 -4.89 -3.96
C LEU B 157 17.32 -6.08 -4.91
N THR B 158 17.79 -5.87 -6.14
CA THR B 158 17.76 -6.88 -7.20
C THR B 158 19.10 -6.94 -7.94
N TRP B 159 19.33 -8.03 -8.67
CA TRP B 159 20.58 -8.16 -9.41
C TRP B 159 20.29 -8.15 -10.92
N ASN B 160 20.89 -7.18 -11.61
CA ASN B 160 20.67 -7.01 -13.04
C ASN B 160 19.17 -6.80 -13.26
N SER B 161 18.61 -5.92 -12.44
CA SER B 161 17.20 -5.56 -12.49
C SER B 161 16.28 -6.74 -12.26
N GLY B 162 16.86 -7.92 -12.11
CA GLY B 162 16.05 -9.10 -11.87
C GLY B 162 16.34 -10.24 -12.81
N SER B 163 16.97 -9.94 -13.93
CA SER B 163 17.28 -10.98 -14.90
C SER B 163 18.30 -11.95 -14.30
N LEU B 164 18.49 -11.83 -12.98
CA LEU B 164 19.44 -12.66 -12.24
C LEU B 164 18.86 -12.95 -10.84
N SER B 165 18.39 -14.17 -10.62
CA SER B 165 17.80 -14.53 -9.32
C SER B 165 18.18 -15.91 -8.79
N SER B 166 18.98 -16.65 -9.54
CA SER B 166 19.41 -17.98 -9.10
C SER B 166 20.82 -17.86 -8.49
N GLY B 167 20.90 -18.11 -7.19
CA GLY B 167 22.17 -18.02 -6.50
C GLY B 167 22.23 -16.71 -5.75
N VAL B 168 21.06 -16.18 -5.44
CA VAL B 168 20.95 -14.92 -4.73
C VAL B 168 20.40 -15.15 -3.33
N HIS B 169 20.95 -14.41 -2.38
CA HIS B 169 20.52 -14.50 -0.99
C HIS B 169 20.57 -13.07 -0.49
N THR B 170 19.43 -12.53 -0.11
CA THR B 170 19.38 -11.17 0.42
C THR B 170 18.93 -11.23 1.86
N PHE B 171 19.87 -10.95 2.74
CA PHE B 171 19.68 -10.99 4.19
C PHE B 171 18.77 -9.91 4.72
N PRO B 172 17.92 -10.27 5.70
CA PRO B 172 16.97 -9.33 6.30
C PRO B 172 17.68 -8.13 6.86
N ALA B 173 17.11 -6.95 6.63
CA ALA B 173 17.72 -5.75 7.15
C ALA B 173 17.73 -5.87 8.65
N LEU B 174 18.86 -5.50 9.24
CA LEU B 174 19.05 -5.54 10.68
C LEU B 174 19.05 -4.12 11.22
N LEU B 175 18.34 -3.88 12.31
CA LEU B 175 18.27 -2.52 12.85
C LEU B 175 19.26 -2.24 13.95
N GLN B 176 20.06 -1.19 13.77
CA GLN B 176 21.04 -0.78 14.77
C GLN B 176 20.38 0.22 15.70
N SER B 177 20.65 1.50 15.52
CA SER B 177 20.03 2.49 16.40
C SER B 177 18.71 2.90 15.76
N ASP B 178 18.78 3.85 14.85
CA ASP B 178 17.62 4.31 14.13
C ASP B 178 18.03 4.26 12.66
N LEU B 179 18.86 3.26 12.33
CA LEU B 179 19.39 3.02 10.99
C LEU B 179 19.49 1.53 10.67
N TYR B 180 19.16 1.16 9.44
CA TYR B 180 19.20 -0.24 9.01
C TYR B 180 20.39 -0.50 8.13
N THR B 181 20.78 -1.76 8.10
CA THR B 181 21.88 -2.21 7.25
C THR B 181 21.43 -3.52 6.62
N LEU B 182 21.79 -3.72 5.36
CA LEU B 182 21.35 -4.91 4.66
C LEU B 182 22.35 -5.29 3.59
N SER B 183 22.52 -6.58 3.35
CA SER B 183 23.44 -7.04 2.34
C SER B 183 22.81 -8.13 1.50
N SER B 184 23.49 -8.47 0.40
CA SER B 184 23.00 -9.49 -0.49
C SER B 184 24.13 -10.18 -1.23
N SER B 185 24.14 -11.52 -1.24
CA SER B 185 25.17 -12.26 -1.95
C SER B 185 24.50 -12.88 -3.19
N VAL B 186 25.30 -13.16 -4.21
CA VAL B 186 24.80 -13.76 -5.43
C VAL B 186 25.94 -14.57 -6.04
N THR B 187 25.69 -15.87 -6.24
CA THR B 187 26.72 -16.75 -6.79
C THR B 187 26.50 -17.17 -8.24
N VAL B 188 27.49 -16.86 -9.06
CA VAL B 188 27.47 -17.18 -10.47
C VAL B 188 28.60 -18.15 -10.78
N THR B 189 28.82 -18.43 -12.05
CA THR B 189 29.87 -19.36 -12.44
C THR B 189 31.15 -18.64 -12.85
N SER B 190 32.29 -19.15 -12.39
CA SER B 190 33.60 -18.58 -12.69
C SER B 190 33.64 -17.98 -14.09
N ASN B 191 32.98 -18.66 -15.03
CA ASN B 191 32.92 -18.23 -16.42
C ASN B 191 31.84 -17.18 -16.65
N THR B 192 30.80 -17.21 -15.82
CA THR B 192 29.70 -16.26 -15.92
C THR B 192 30.16 -14.82 -15.67
N TRP B 193 31.06 -14.66 -14.70
CA TRP B 193 31.61 -13.35 -14.32
C TRP B 193 33.14 -13.47 -14.19
N PRO B 194 33.87 -12.38 -14.47
CA PRO B 194 33.41 -11.06 -14.89
C PRO B 194 33.12 -10.86 -16.39
N SER B 195 33.05 -11.95 -17.16
CA SER B 195 32.78 -11.85 -18.60
C SER B 195 31.55 -10.99 -18.85
N GLN B 196 30.39 -11.47 -18.43
CA GLN B 196 29.12 -10.75 -18.57
C GLN B 196 29.01 -9.88 -17.32
N SER B 197 28.43 -8.69 -17.47
CA SER B 197 28.31 -7.77 -16.35
C SER B 197 27.19 -8.04 -15.35
N ILE B 198 27.50 -7.91 -14.05
CA ILE B 198 26.53 -8.11 -12.97
C ILE B 198 26.40 -6.81 -12.18
N THR B 199 25.17 -6.40 -11.90
CA THR B 199 24.93 -5.14 -11.19
C THR B 199 23.95 -5.23 -10.04
N CYS B 200 24.21 -4.45 -8.99
CA CYS B 200 23.33 -4.42 -7.83
C CYS B 200 22.41 -3.22 -8.01
N ASN B 201 21.11 -3.45 -7.95
CA ASN B 201 20.15 -2.37 -8.12
C ASN B 201 19.38 -2.17 -6.83
N VAL B 202 19.74 -1.16 -6.06
CA VAL B 202 19.03 -0.92 -4.81
C VAL B 202 18.18 0.33 -4.92
N ALA B 203 17.13 0.42 -4.11
CA ALA B 203 16.24 1.56 -4.14
C ALA B 203 15.57 1.70 -2.81
N HIS B 204 15.62 2.91 -2.27
CA HIS B 204 15.04 3.20 -0.98
C HIS B 204 13.98 4.28 -1.15
N PRO B 205 12.75 3.87 -1.37
CA PRO B 205 11.65 4.80 -1.56
C PRO B 205 11.63 6.02 -0.65
N ALA B 206 11.46 5.82 0.66
CA ALA B 206 11.37 6.95 1.59
C ALA B 206 12.38 8.05 1.34
N SER B 207 13.64 7.68 1.12
CA SER B 207 14.69 8.67 0.89
C SER B 207 14.78 9.00 -0.57
N SER B 208 13.88 8.44 -1.37
CA SER B 208 13.86 8.69 -2.79
C SER B 208 15.22 8.37 -3.38
N THR B 209 15.81 7.29 -2.92
CA THR B 209 17.11 6.93 -3.40
C THR B 209 17.02 5.69 -4.28
N LYS B 210 17.62 5.80 -5.45
CA LYS B 210 17.66 4.70 -6.40
C LYS B 210 19.06 4.73 -6.97
N VAL B 211 19.77 3.61 -6.87
CA VAL B 211 21.13 3.52 -7.41
C VAL B 211 21.43 2.10 -7.87
N ASP B 212 22.01 2.00 -9.06
CA ASP B 212 22.39 0.72 -9.64
C ASP B 212 23.92 0.72 -9.58
N LYS B 213 24.50 -0.10 -8.71
CA LYS B 213 25.97 -0.15 -8.54
C LYS B 213 26.65 -1.41 -9.14
N LYS B 214 27.47 -1.20 -10.17
CA LYS B 214 28.14 -2.31 -10.86
C LYS B 214 29.34 -2.90 -10.11
N ILE B 215 29.30 -4.23 -9.97
CA ILE B 215 30.33 -4.99 -9.27
C ILE B 215 31.52 -5.39 -10.15
N VAL B 216 32.52 -4.53 -10.19
CA VAL B 216 33.73 -4.78 -10.96
C VAL B 216 34.78 -5.26 -9.98
N PRO B 217 35.64 -6.21 -10.39
CA PRO B 217 36.71 -6.72 -9.52
C PRO B 217 37.79 -5.65 -9.49
N ARG B 218 38.61 -5.58 -8.44
CA ARG B 218 39.63 -4.53 -8.40
C ARG B 218 41.04 -4.96 -8.02
N ASP B 219 41.81 -3.98 -7.54
CA ASP B 219 43.19 -4.18 -7.09
C ASP B 219 43.40 -3.49 -5.73
N ILE C 1 13.27 45.65 -30.16
CA ILE C 1 14.62 45.06 -30.31
C ILE C 1 15.27 45.55 -31.60
N GLY C 2 14.43 45.96 -32.55
CA GLY C 2 14.92 46.48 -33.83
C GLY C 2 15.58 47.83 -33.64
N ASP C 3 16.00 48.09 -32.40
CA ASP C 3 16.66 49.32 -31.99
C ASP C 3 17.63 49.04 -30.83
N VAL C 4 18.60 48.17 -31.08
CA VAL C 4 19.59 47.78 -30.08
C VAL C 4 18.85 47.22 -28.86
N MET C 5 17.81 46.43 -29.13
CA MET C 5 16.97 45.79 -28.12
C MET C 5 16.38 46.77 -27.09
N GLU C 6 15.06 46.70 -26.91
CA GLU C 6 14.35 47.58 -25.98
C GLU C 6 14.51 47.19 -24.50
N HIS C 7 14.79 48.18 -23.67
CA HIS C 7 14.94 48.00 -22.23
C HIS C 7 13.60 47.70 -21.55
N PRO C 8 12.57 48.54 -21.79
CA PRO C 8 11.24 48.34 -21.19
C PRO C 8 10.68 46.92 -21.27
N LEU C 9 10.75 46.31 -22.45
CA LEU C 9 10.23 44.97 -22.67
C LEU C 9 11.15 43.88 -22.09
N VAL C 10 11.91 44.25 -21.06
CA VAL C 10 12.83 43.35 -20.38
C VAL C 10 12.38 43.18 -18.93
N GLU C 11 12.53 44.25 -18.15
CA GLU C 11 12.16 44.27 -16.73
C GLU C 11 10.66 44.22 -16.44
N LEU C 12 9.85 44.12 -17.49
CA LEU C 12 8.39 44.05 -17.30
C LEU C 12 7.83 42.70 -17.71
N GLY C 13 8.31 42.17 -18.83
CA GLY C 13 7.84 40.89 -19.31
C GLY C 13 8.09 39.78 -18.31
N VAL C 14 9.06 39.99 -17.42
CA VAL C 14 9.37 39.00 -16.41
C VAL C 14 8.68 39.37 -15.11
N SER C 15 8.16 40.59 -15.04
CA SER C 15 7.44 41.06 -13.86
C SER C 15 5.98 40.59 -13.94
N TYR C 16 5.53 40.34 -15.16
CA TYR C 16 4.16 39.89 -15.42
C TYR C 16 4.10 38.38 -15.21
N ALA C 17 5.17 37.69 -15.58
CA ALA C 17 5.24 36.25 -15.42
C ALA C 17 5.27 35.97 -13.92
N ALA C 18 5.56 36.99 -13.14
CA ALA C 18 5.60 36.85 -11.70
C ALA C 18 4.22 37.09 -11.10
N LEU C 19 3.33 37.66 -11.89
CA LEU C 19 1.95 37.94 -11.44
C LEU C 19 1.02 36.82 -11.87
N LEU C 20 1.14 36.42 -13.14
CA LEU C 20 0.33 35.34 -13.69
C LEU C 20 0.62 34.10 -12.85
N SER C 21 1.90 33.81 -12.68
CA SER C 21 2.34 32.66 -11.89
C SER C 21 1.52 32.54 -10.61
N VAL C 22 1.25 33.64 -9.94
CA VAL C 22 0.45 33.58 -8.72
C VAL C 22 -0.87 32.93 -9.08
N ILE C 23 -1.63 33.58 -9.94
CA ILE C 23 -2.93 33.08 -10.38
C ILE C 23 -2.82 31.61 -10.76
N VAL C 24 -1.94 31.32 -11.72
CA VAL C 24 -1.75 29.95 -12.19
C VAL C 24 -1.65 29.00 -11.01
N VAL C 25 -1.05 29.45 -9.92
CA VAL C 25 -0.96 28.60 -8.76
C VAL C 25 -2.33 28.56 -8.12
N VAL C 26 -2.85 29.72 -7.71
CA VAL C 26 -4.17 29.78 -7.10
C VAL C 26 -5.13 28.91 -7.95
N VAL C 27 -5.17 29.19 -9.25
CA VAL C 27 -6.03 28.42 -10.16
C VAL C 27 -5.70 26.95 -10.03
N GLU C 28 -4.44 26.61 -10.29
CA GLU C 28 -4.01 25.22 -10.23
C GLU C 28 -4.45 24.48 -8.97
N CYS C 29 -4.26 25.09 -7.81
CA CYS C 29 -4.66 24.44 -6.56
C CYS C 29 -6.19 24.40 -6.33
N THR C 30 -6.94 25.16 -7.12
CA THR C 30 -8.40 25.15 -6.98
C THR C 30 -8.92 23.96 -7.80
N MET C 31 -8.24 23.68 -8.92
CA MET C 31 -8.61 22.55 -9.76
C MET C 31 -8.16 21.25 -9.08
N GLN C 32 -7.38 21.38 -8.01
CA GLN C 32 -6.90 20.23 -7.26
C GLN C 32 -7.88 20.03 -6.09
N LEU C 33 -8.16 21.11 -5.38
CA LEU C 33 -9.08 21.06 -4.26
C LEU C 33 -10.37 20.35 -4.66
N SER C 34 -11.07 20.90 -5.66
CA SER C 34 -12.32 20.33 -6.15
C SER C 34 -12.07 19.08 -6.97
N GLY C 35 -10.80 18.70 -7.09
CA GLY C 35 -10.45 17.52 -7.86
C GLY C 35 -10.17 16.33 -6.98
N GLU C 36 -9.86 16.59 -5.72
CA GLU C 36 -9.56 15.52 -4.78
C GLU C 36 -10.62 14.44 -4.78
N TYR C 37 -10.27 13.30 -5.37
CA TYR C 37 -11.19 12.17 -5.44
C TYR C 37 -11.15 11.41 -4.10
N LEU C 38 -11.78 12.01 -3.11
CA LEU C 38 -11.88 11.48 -1.74
C LEU C 38 -12.47 12.64 -0.94
N VAL C 39 -11.92 13.82 -1.16
CA VAL C 39 -12.36 15.04 -0.51
C VAL C 39 -13.62 15.55 -1.20
N ARG C 40 -13.47 15.84 -2.49
CA ARG C 40 -14.56 16.37 -3.32
C ARG C 40 -15.59 15.31 -3.74
N LEU C 41 -15.15 14.07 -3.97
CA LEU C 41 -16.06 13.00 -4.38
C LEU C 41 -17.13 12.65 -3.32
N TYR C 42 -16.88 13.05 -2.08
CA TYR C 42 -17.82 12.80 -0.99
C TYR C 42 -18.55 14.09 -0.61
N LEU C 43 -17.83 15.21 -0.61
CA LEU C 43 -18.43 16.48 -0.27
C LEU C 43 -19.55 16.81 -1.28
N VAL C 44 -19.33 16.46 -2.54
CA VAL C 44 -20.31 16.73 -3.58
C VAL C 44 -21.44 15.71 -3.54
N ASP C 45 -21.11 14.45 -3.73
CA ASP C 45 -22.11 13.39 -3.71
C ASP C 45 -22.92 13.42 -2.40
N LEU C 46 -22.49 14.24 -1.44
CA LEU C 46 -23.19 14.39 -0.16
C LEU C 46 -24.07 15.62 -0.23
N ILE C 47 -23.46 16.75 -0.60
CA ILE C 47 -24.20 17.99 -0.74
C ILE C 47 -25.44 17.71 -1.59
N LEU C 48 -25.28 16.76 -2.51
CA LEU C 48 -26.34 16.34 -3.43
C LEU C 48 -27.49 15.71 -2.64
N VAL C 49 -27.15 14.77 -1.78
CA VAL C 49 -28.14 14.09 -0.95
C VAL C 49 -28.96 15.09 -0.14
N ILE C 50 -28.28 15.98 0.56
CA ILE C 50 -28.92 17.00 1.38
C ILE C 50 -29.78 17.93 0.53
N ILE C 51 -29.56 17.91 -0.78
CA ILE C 51 -30.32 18.73 -1.71
C ILE C 51 -31.70 18.11 -1.90
N LEU C 52 -31.73 16.80 -2.08
CA LEU C 52 -32.98 16.07 -2.29
C LEU C 52 -33.84 15.96 -1.05
N TRP C 53 -33.29 15.34 -0.01
CA TRP C 53 -34.00 15.14 1.25
C TRP C 53 -34.58 16.48 1.73
N ALA C 54 -33.76 17.54 1.66
CA ALA C 54 -34.18 18.88 2.09
C ALA C 54 -35.13 19.53 1.06
N ASP C 55 -35.25 18.90 -0.10
CA ASP C 55 -36.15 19.37 -1.17
C ASP C 55 -37.46 18.62 -1.00
N TYR C 56 -37.39 17.31 -1.21
CA TYR C 56 -38.54 16.44 -1.08
C TYR C 56 -39.34 16.81 0.17
N ALA C 57 -38.64 17.04 1.28
CA ALA C 57 -39.32 17.39 2.52
C ALA C 57 -40.18 18.64 2.34
N TYR C 58 -39.68 19.60 1.57
CA TYR C 58 -40.43 20.84 1.35
C TYR C 58 -41.63 20.61 0.46
N ARG C 59 -41.44 19.81 -0.60
CA ARG C 59 -42.54 19.51 -1.51
C ARG C 59 -43.56 18.68 -0.73
N ALA C 60 -43.17 18.29 0.49
CA ALA C 60 -44.01 17.48 1.37
C ALA C 60 -44.77 18.32 2.39
N TYR C 61 -44.20 19.47 2.79
CA TYR C 61 -44.89 20.33 3.74
C TYR C 61 -45.96 21.16 3.03
N LYS C 62 -45.71 21.44 1.76
CA LYS C 62 -46.66 22.20 0.94
C LYS C 62 -47.96 21.39 0.71
N SER C 63 -48.06 20.25 1.37
CA SER C 63 -49.24 19.37 1.24
C SER C 63 -50.00 19.18 2.56
N GLY C 64 -49.50 19.76 3.63
CA GLY C 64 -50.16 19.62 4.92
C GLY C 64 -49.95 18.23 5.50
N ASP C 65 -50.09 17.22 4.63
CA ASP C 65 -49.89 15.84 5.03
C ASP C 65 -48.40 15.56 4.88
N PRO C 66 -47.70 15.33 6.00
CA PRO C 66 -46.26 15.04 5.98
C PRO C 66 -46.00 13.64 5.44
N ALA C 67 -46.55 12.64 6.12
CA ALA C 67 -46.41 11.24 5.73
C ALA C 67 -47.39 11.00 4.59
N GLY C 68 -48.43 11.83 4.53
CA GLY C 68 -49.41 11.70 3.48
C GLY C 68 -48.68 11.76 2.16
N TYR C 69 -47.74 12.69 2.08
CA TYR C 69 -46.94 12.87 0.88
C TYR C 69 -46.10 11.61 0.63
N VAL C 70 -45.61 11.01 1.72
CA VAL C 70 -44.79 9.80 1.62
C VAL C 70 -45.53 8.63 0.99
N LYS C 71 -46.74 8.35 1.47
CA LYS C 71 -47.52 7.23 0.92
C LYS C 71 -47.86 7.50 -0.53
N LYS C 72 -48.39 8.69 -0.80
CA LYS C 72 -48.77 9.07 -2.15
C LYS C 72 -47.62 8.72 -3.09
N THR C 73 -46.40 8.83 -2.57
CA THR C 73 -45.22 8.53 -3.37
C THR C 73 -44.96 7.03 -3.54
N LEU C 74 -44.79 6.32 -2.43
CA LEU C 74 -44.56 4.90 -2.51
C LEU C 74 -45.65 4.26 -3.38
N TYR C 75 -46.77 4.99 -3.53
CA TYR C 75 -47.92 4.54 -4.29
C TYR C 75 -47.84 4.86 -5.77
N GLU C 76 -47.67 6.12 -6.11
CA GLU C 76 -47.58 6.51 -7.52
C GLU C 76 -46.38 5.82 -8.20
N ILE C 77 -45.36 5.48 -7.40
CA ILE C 77 -44.16 4.83 -7.89
C ILE C 77 -44.02 3.48 -7.19
N PRO C 78 -44.71 2.46 -7.71
CA PRO C 78 -44.72 1.10 -7.18
C PRO C 78 -43.35 0.44 -7.06
N ALA C 79 -42.56 0.54 -8.12
CA ALA C 79 -41.22 -0.07 -8.15
C ALA C 79 -40.30 0.38 -7.01
N LEU C 80 -40.51 1.60 -6.54
CA LEU C 80 -39.69 2.15 -5.47
C LEU C 80 -39.64 1.26 -4.22
N VAL C 81 -40.66 0.43 -4.01
CA VAL C 81 -40.68 -0.43 -2.82
C VAL C 81 -40.10 -1.83 -3.03
N PRO C 82 -40.45 -2.51 -4.15
CA PRO C 82 -39.88 -3.85 -4.34
C PRO C 82 -38.37 -3.71 -4.60
N ALA C 83 -37.96 -2.52 -5.03
CA ALA C 83 -36.57 -2.22 -5.30
C ALA C 83 -35.85 -2.13 -3.97
N GLY C 84 -36.40 -1.33 -3.06
CA GLY C 84 -35.80 -1.19 -1.75
C GLY C 84 -35.56 -2.55 -1.11
N LEU C 85 -36.53 -3.45 -1.21
CA LEU C 85 -36.37 -4.77 -0.62
C LEU C 85 -35.24 -5.53 -1.28
N LEU C 86 -35.10 -5.38 -2.59
CA LEU C 86 -34.01 -6.06 -3.28
C LEU C 86 -32.71 -5.52 -2.73
N ALA C 87 -32.64 -4.20 -2.57
CA ALA C 87 -31.45 -3.55 -2.02
C ALA C 87 -31.11 -4.16 -0.67
N LEU C 88 -32.11 -4.28 0.20
CA LEU C 88 -31.89 -4.86 1.51
C LEU C 88 -31.42 -6.31 1.44
N ILE C 89 -32.00 -7.08 0.51
CA ILE C 89 -31.64 -8.49 0.36
C ILE C 89 -30.26 -8.67 -0.25
N GLU C 90 -29.93 -7.82 -1.23
CA GLU C 90 -28.62 -7.88 -1.88
C GLU C 90 -27.60 -7.60 -0.78
N GLY C 91 -27.85 -6.51 -0.04
CA GLY C 91 -26.98 -6.11 1.05
C GLY C 91 -26.76 -7.10 2.18
N HIS C 92 -27.76 -7.93 2.48
CA HIS C 92 -27.61 -8.92 3.55
C HIS C 92 -26.84 -10.09 2.98
N LEU C 93 -26.89 -10.25 1.66
CA LEU C 93 -26.16 -11.32 1.02
C LEU C 93 -24.70 -10.91 0.99
N ALA C 94 -24.51 -9.62 0.72
CA ALA C 94 -23.18 -9.02 0.64
C ALA C 94 -22.51 -9.08 2.01
N GLY C 95 -23.20 -8.54 3.00
CA GLY C 95 -22.67 -8.54 4.35
C GLY C 95 -22.19 -9.91 4.80
N LEU C 96 -22.68 -10.96 4.17
CA LEU C 96 -22.27 -12.31 4.53
C LEU C 96 -21.25 -12.90 3.60
N GLY C 97 -20.64 -12.06 2.78
CA GLY C 97 -19.64 -12.58 1.86
C GLY C 97 -20.21 -13.61 0.90
N LEU C 98 -21.52 -13.55 0.70
CA LEU C 98 -22.22 -14.44 -0.21
C LEU C 98 -22.39 -13.70 -1.53
N PHE C 99 -21.26 -13.46 -2.20
CA PHE C 99 -21.28 -12.72 -3.44
C PHE C 99 -21.77 -13.50 -4.64
N ARG C 100 -21.67 -14.82 -4.57
CA ARG C 100 -22.14 -15.65 -5.68
C ARG C 100 -23.63 -15.33 -5.87
N LEU C 101 -24.39 -15.44 -4.79
CA LEU C 101 -25.81 -15.15 -4.81
C LEU C 101 -26.05 -13.70 -5.19
N VAL C 102 -25.24 -12.81 -4.65
CA VAL C 102 -25.38 -11.40 -4.99
C VAL C 102 -25.27 -11.27 -6.50
N ARG C 103 -24.38 -12.07 -7.10
CA ARG C 103 -24.20 -12.02 -8.54
C ARG C 103 -25.57 -12.24 -9.15
N LEU C 104 -26.22 -13.30 -8.70
CA LEU C 104 -27.54 -13.67 -9.17
C LEU C 104 -28.53 -12.51 -9.05
N LEU C 105 -29.08 -12.30 -7.85
CA LEU C 105 -30.03 -11.23 -7.61
C LEU C 105 -29.81 -9.98 -8.46
N ARG C 106 -28.57 -9.51 -8.55
CA ARG C 106 -28.29 -8.32 -9.34
C ARG C 106 -28.74 -8.47 -10.79
N PHE C 107 -28.63 -9.70 -11.30
CA PHE C 107 -29.02 -10.05 -12.68
C PHE C 107 -30.53 -10.32 -12.74
N LEU C 108 -31.01 -11.07 -11.76
CA LEU C 108 -32.43 -11.39 -11.67
C LEU C 108 -33.16 -10.08 -11.43
N ARG C 109 -32.39 -9.01 -11.28
CA ARG C 109 -32.95 -7.69 -11.06
C ARG C 109 -33.13 -7.06 -12.42
N ILE C 110 -32.05 -7.04 -13.20
CA ILE C 110 -32.08 -6.46 -14.53
C ILE C 110 -33.27 -7.01 -15.30
N LEU C 111 -33.45 -8.33 -15.28
CA LEU C 111 -34.59 -8.94 -15.96
C LEU C 111 -35.84 -8.30 -15.41
N LEU C 112 -36.13 -8.59 -14.14
CA LEU C 112 -37.30 -8.05 -13.49
C LEU C 112 -37.45 -6.57 -13.83
N ILE C 113 -36.35 -5.86 -14.05
CA ILE C 113 -36.45 -4.45 -14.40
C ILE C 113 -36.87 -4.25 -15.84
N ILE C 114 -36.22 -4.95 -16.78
CA ILE C 114 -36.57 -4.79 -18.19
C ILE C 114 -38.07 -5.08 -18.34
N SER C 115 -38.47 -6.30 -17.97
CA SER C 115 -39.88 -6.70 -18.06
C SER C 115 -40.78 -5.55 -17.66
N ARG C 116 -40.96 -5.34 -16.35
CA ARG C 116 -41.81 -4.26 -15.86
C ARG C 116 -41.30 -2.90 -16.36
N GLY C 117 -41.36 -2.70 -17.67
CA GLY C 117 -40.89 -1.45 -18.23
C GLY C 117 -40.65 -1.48 -19.73
N SER C 118 -40.58 -0.30 -20.33
CA SER C 118 -40.37 -0.13 -21.78
C SER C 118 -40.50 1.39 -21.95
N LYS C 119 -41.22 1.98 -21.01
CA LYS C 119 -41.44 3.41 -20.95
C LYS C 119 -40.95 3.68 -19.52
N PHE C 120 -40.46 2.61 -18.91
CA PHE C 120 -39.92 2.62 -17.56
C PHE C 120 -38.45 3.02 -17.59
N LEU C 121 -37.69 2.41 -18.50
CA LEU C 121 -36.29 2.72 -18.66
C LEU C 121 -36.13 4.21 -18.89
N SER C 122 -37.20 4.83 -19.37
CA SER C 122 -37.21 6.26 -19.62
C SER C 122 -37.27 6.98 -18.30
N ALA C 123 -38.20 6.55 -17.45
CA ALA C 123 -38.39 7.16 -16.13
C ALA C 123 -37.18 6.96 -15.23
N ILE C 124 -36.41 5.90 -15.48
CA ILE C 124 -35.22 5.63 -14.70
C ILE C 124 -34.09 6.46 -15.26
N ALA C 125 -34.02 6.51 -16.59
CA ALA C 125 -32.99 7.30 -17.23
C ALA C 125 -33.26 8.75 -16.92
N ASP C 126 -34.41 9.26 -17.34
CA ASP C 126 -34.75 10.66 -17.11
C ASP C 126 -34.51 11.03 -15.64
N ALA C 127 -34.47 10.04 -14.77
CA ALA C 127 -34.23 10.27 -13.34
C ALA C 127 -32.73 10.31 -13.08
N ALA C 128 -32.02 9.38 -13.71
CA ALA C 128 -30.56 9.32 -13.56
C ALA C 128 -30.00 10.56 -14.24
N ASP C 129 -30.38 10.77 -15.49
CA ASP C 129 -29.94 11.93 -16.24
C ASP C 129 -30.37 13.18 -15.44
N LYS C 130 -31.09 12.97 -14.33
CA LYS C 130 -31.55 14.08 -13.49
C LYS C 130 -30.65 14.30 -12.28
N ILE C 131 -30.24 13.23 -11.64
CA ILE C 131 -29.37 13.36 -10.48
C ILE C 131 -28.03 13.85 -10.96
N ARG C 132 -27.70 13.56 -12.21
CA ARG C 132 -26.42 14.00 -12.79
C ARG C 132 -26.37 15.51 -12.83
N PHE C 133 -27.51 16.13 -13.15
CA PHE C 133 -27.56 17.60 -13.16
C PHE C 133 -27.30 18.04 -11.73
N TYR C 134 -28.03 17.45 -10.78
CA TYR C 134 -27.88 17.79 -9.36
C TYR C 134 -26.43 17.61 -8.92
N HIS C 135 -25.71 16.70 -9.57
CA HIS C 135 -24.32 16.48 -9.21
C HIS C 135 -23.51 17.68 -9.68
N LEU C 136 -23.65 17.99 -10.96
CA LEU C 136 -22.94 19.12 -11.56
C LEU C 136 -23.22 20.36 -10.75
N PHE C 137 -24.49 20.64 -10.52
CA PHE C 137 -24.88 21.82 -9.75
C PHE C 137 -24.00 21.98 -8.52
N GLY C 138 -23.68 20.87 -7.88
CA GLY C 138 -22.86 20.93 -6.70
C GLY C 138 -21.44 21.29 -7.08
N ALA C 139 -20.77 20.34 -7.72
CA ALA C 139 -19.40 20.53 -8.16
C ALA C 139 -19.10 22.00 -8.49
N VAL C 140 -19.99 22.62 -9.26
CA VAL C 140 -19.81 24.02 -9.64
C VAL C 140 -20.00 24.98 -8.48
N MET C 141 -21.22 25.01 -7.95
CA MET C 141 -21.48 25.89 -6.83
C MET C 141 -20.43 25.70 -5.74
N LEU C 142 -19.72 24.59 -5.83
CA LEU C 142 -18.68 24.28 -4.86
C LEU C 142 -17.41 25.06 -5.19
N THR C 143 -16.98 25.02 -6.44
CA THR C 143 -15.79 25.76 -6.84
C THR C 143 -16.06 27.23 -6.65
N VAL C 144 -17.30 27.64 -6.92
CA VAL C 144 -17.63 29.03 -6.73
C VAL C 144 -17.24 29.35 -5.31
N LEU C 145 -17.86 28.64 -4.37
CA LEU C 145 -17.62 28.83 -2.92
C LEU C 145 -16.18 29.13 -2.57
N TYR C 146 -15.27 28.25 -2.98
CA TYR C 146 -13.86 28.44 -2.71
C TYR C 146 -13.52 29.91 -2.97
N GLY C 147 -13.61 30.30 -4.25
CA GLY C 147 -13.33 31.67 -4.62
C GLY C 147 -13.88 32.59 -3.55
N ALA C 148 -15.16 32.43 -3.26
CA ALA C 148 -15.81 33.25 -2.25
C ALA C 148 -15.02 33.18 -0.96
N PHE C 149 -14.75 31.96 -0.52
CA PHE C 149 -14.00 31.75 0.72
C PHE C 149 -12.65 32.44 0.61
N ALA C 150 -11.91 32.09 -0.43
CA ALA C 150 -10.59 32.69 -0.64
C ALA C 150 -10.65 34.22 -0.61
N ILE C 151 -11.63 34.81 -1.26
CA ILE C 151 -11.71 36.26 -1.25
C ILE C 151 -11.94 36.73 0.19
N TYR C 152 -12.63 35.92 0.99
CA TYR C 152 -12.92 36.25 2.38
C TYR C 152 -11.59 36.46 3.12
N ILE C 153 -10.80 35.40 3.17
CA ILE C 153 -9.50 35.42 3.83
C ILE C 153 -8.75 36.73 3.64
N VAL C 154 -8.38 37.04 2.40
CA VAL C 154 -7.62 38.23 2.09
C VAL C 154 -8.43 39.53 1.92
N GLU C 155 -9.64 39.57 2.47
CA GLU C 155 -10.46 40.77 2.34
C GLU C 155 -11.17 41.14 3.63
N TYR C 156 -11.53 40.12 4.40
CA TYR C 156 -12.22 40.33 5.65
C TYR C 156 -11.60 41.39 6.57
N PRO C 157 -10.24 41.42 6.67
CA PRO C 157 -9.48 42.37 7.51
C PRO C 157 -9.50 43.86 7.14
N ASP C 158 -8.97 44.20 5.97
CA ASP C 158 -8.92 45.59 5.53
C ASP C 158 -10.20 46.36 5.85
N PRO C 159 -10.06 47.63 6.28
CA PRO C 159 -11.15 48.56 6.64
C PRO C 159 -12.21 48.78 5.56
N ASN C 160 -13.45 48.36 5.86
CA ASN C 160 -14.59 48.51 4.95
C ASN C 160 -14.35 47.87 3.58
N SER C 161 -13.93 46.61 3.58
CA SER C 161 -13.65 45.88 2.35
C SER C 161 -14.92 45.47 1.63
N SER C 162 -16.06 45.88 2.16
CA SER C 162 -17.35 45.52 1.58
C SER C 162 -17.59 44.03 1.78
N ILE C 163 -16.51 43.25 1.72
CA ILE C 163 -16.58 41.81 1.91
C ILE C 163 -16.45 41.53 3.41
N LYS C 164 -17.55 41.74 4.12
CA LYS C 164 -17.63 41.51 5.56
C LYS C 164 -18.09 40.09 5.83
N SER C 165 -19.39 39.87 5.61
CA SER C 165 -19.98 38.56 5.83
C SER C 165 -19.29 37.51 4.96
N VAL C 166 -19.42 36.24 5.33
CA VAL C 166 -18.83 35.17 4.55
C VAL C 166 -19.78 34.96 3.38
N PHE C 167 -21.03 35.36 3.62
CA PHE C 167 -22.08 35.27 2.62
C PHE C 167 -21.78 36.35 1.59
N ASP C 168 -21.45 37.54 2.08
CA ASP C 168 -21.11 38.68 1.22
C ASP C 168 -20.03 38.27 0.23
N ALA C 169 -19.12 37.42 0.69
CA ALA C 169 -18.03 36.93 -0.15
C ALA C 169 -18.56 35.95 -1.20
N LEU C 170 -19.68 35.31 -0.90
CA LEU C 170 -20.27 34.38 -1.85
C LEU C 170 -20.97 35.18 -2.93
N TRP C 171 -21.72 36.20 -2.51
CA TRP C 171 -22.44 37.08 -3.42
C TRP C 171 -21.46 37.51 -4.50
N TRP C 172 -20.33 38.06 -4.07
CA TRP C 172 -19.29 38.52 -4.98
C TRP C 172 -18.88 37.39 -5.91
N ALA C 173 -18.50 36.25 -5.34
CA ALA C 173 -18.09 35.11 -6.13
C ALA C 173 -19.13 34.73 -7.18
N VAL C 174 -20.39 34.59 -6.76
CA VAL C 174 -21.45 34.24 -7.70
C VAL C 174 -21.69 35.30 -8.75
N VAL C 175 -21.92 36.53 -8.33
CA VAL C 175 -22.16 37.61 -9.29
C VAL C 175 -21.01 37.66 -10.29
N THR C 176 -19.79 37.49 -9.81
CA THR C 176 -18.64 37.50 -10.69
C THR C 176 -18.64 36.31 -11.65
N ALA C 177 -18.72 35.10 -11.12
CA ALA C 177 -18.71 33.88 -11.94
C ALA C 177 -19.74 33.92 -13.07
N THR C 178 -20.87 34.58 -12.85
CA THR C 178 -21.92 34.68 -13.85
C THR C 178 -21.63 35.80 -14.86
N THR C 179 -20.60 36.58 -14.60
CA THR C 179 -20.18 37.72 -15.43
C THR C 179 -21.15 38.90 -15.33
N VAL C 180 -22.08 38.84 -14.37
CA VAL C 180 -23.06 39.92 -14.13
C VAL C 180 -22.36 41.13 -13.53
N GLY C 181 -21.39 40.85 -12.66
CA GLY C 181 -20.61 41.89 -12.01
C GLY C 181 -21.28 43.17 -11.55
N TYR C 182 -22.32 43.04 -10.72
CA TYR C 182 -23.03 44.20 -10.21
C TYR C 182 -22.06 45.26 -9.74
N GLY C 183 -21.06 44.86 -8.96
CA GLY C 183 -20.07 45.82 -8.48
C GLY C 183 -20.23 46.29 -7.05
N ASP C 184 -21.41 46.05 -6.47
CA ASP C 184 -21.67 46.46 -5.10
C ASP C 184 -20.67 45.81 -4.16
N VAL C 185 -20.01 44.77 -4.64
CA VAL C 185 -19.05 44.04 -3.83
C VAL C 185 -17.77 43.71 -4.58
N VAL C 186 -16.81 44.63 -4.54
CA VAL C 186 -15.54 44.41 -5.20
C VAL C 186 -14.49 44.25 -4.10
N PRO C 187 -13.39 43.52 -4.39
CA PRO C 187 -12.33 43.31 -3.41
C PRO C 187 -11.80 44.53 -2.62
N ALA C 188 -11.05 45.42 -3.30
CA ALA C 188 -10.48 46.63 -2.68
C ALA C 188 -9.04 46.43 -2.17
N THR C 189 -8.64 45.17 -2.01
CA THR C 189 -7.29 44.84 -1.56
C THR C 189 -6.51 44.48 -2.81
N PRO C 190 -5.42 45.21 -3.11
CA PRO C 190 -4.67 44.87 -4.31
C PRO C 190 -4.44 43.35 -4.47
N ILE C 191 -4.24 42.65 -3.36
CA ILE C 191 -4.03 41.21 -3.38
C ILE C 191 -5.35 40.47 -3.60
N GLY C 192 -6.41 40.97 -2.99
CA GLY C 192 -7.70 40.33 -3.16
C GLY C 192 -8.07 40.28 -4.63
N LYS C 193 -7.54 41.21 -5.41
CA LYS C 193 -7.80 41.28 -6.84
C LYS C 193 -6.99 40.23 -7.59
N VAL C 194 -5.74 40.06 -7.18
CA VAL C 194 -4.89 39.07 -7.82
C VAL C 194 -5.68 37.75 -7.80
N ILE C 195 -6.32 37.50 -6.66
CA ILE C 195 -7.13 36.30 -6.49
C ILE C 195 -8.40 36.39 -7.33
N GLY C 196 -9.02 37.57 -7.35
CA GLY C 196 -10.24 37.76 -8.11
C GLY C 196 -10.12 37.31 -9.56
N ILE C 197 -8.95 37.49 -10.16
CA ILE C 197 -8.72 37.07 -11.54
C ILE C 197 -8.85 35.55 -11.69
N ALA C 198 -8.44 34.82 -10.64
CA ALA C 198 -8.51 33.37 -10.65
C ALA C 198 -9.92 32.89 -10.34
N VAL C 199 -10.60 33.58 -9.44
CA VAL C 199 -11.96 33.22 -9.11
C VAL C 199 -12.76 33.48 -10.38
N MET C 200 -12.41 34.55 -11.09
CA MET C 200 -13.09 34.88 -12.33
C MET C 200 -12.79 33.80 -13.36
N LEU C 201 -11.50 33.57 -13.60
CA LEU C 201 -11.07 32.57 -14.56
C LEU C 201 -11.77 31.25 -14.31
N THR C 202 -11.80 30.82 -13.05
CA THR C 202 -12.42 29.57 -12.64
C THR C 202 -13.93 29.66 -12.61
N GLY C 203 -14.44 30.47 -11.69
CA GLY C 203 -15.87 30.66 -11.51
C GLY C 203 -16.68 30.85 -12.78
N ILE C 204 -16.13 31.56 -13.75
CA ILE C 204 -16.84 31.79 -15.00
C ILE C 204 -16.83 30.49 -15.79
N SER C 205 -15.64 29.99 -16.08
CA SER C 205 -15.49 28.75 -16.84
C SER C 205 -16.31 27.62 -16.23
N ALA C 206 -16.38 27.60 -14.91
CA ALA C 206 -17.12 26.56 -14.22
C ALA C 206 -18.59 26.86 -14.33
N LEU C 207 -18.98 28.06 -13.92
CA LEU C 207 -20.38 28.43 -13.98
C LEU C 207 -20.96 28.24 -15.37
N THR C 208 -20.10 28.34 -16.38
CA THR C 208 -20.51 28.16 -17.78
C THR C 208 -21.13 26.81 -18.09
N LEU C 209 -20.47 25.73 -17.69
CA LEU C 209 -21.02 24.41 -17.94
C LEU C 209 -22.43 24.38 -17.36
N LEU C 210 -22.53 24.80 -16.10
CA LEU C 210 -23.80 24.83 -15.39
C LEU C 210 -24.87 25.49 -16.27
N ILE C 211 -24.71 26.79 -16.52
CA ILE C 211 -25.65 27.53 -17.36
C ILE C 211 -25.80 26.83 -18.71
N GLY C 212 -24.70 26.33 -19.24
CA GLY C 212 -24.73 25.64 -20.52
C GLY C 212 -25.69 24.48 -20.45
N THR C 213 -25.65 23.74 -19.35
CA THR C 213 -26.53 22.59 -19.15
C THR C 213 -27.92 23.11 -18.79
N VAL C 214 -27.98 24.02 -17.83
CA VAL C 214 -29.25 24.60 -17.41
C VAL C 214 -29.92 25.24 -18.61
N SER C 215 -29.15 25.48 -19.66
CA SER C 215 -29.70 26.09 -20.86
C SER C 215 -30.17 25.04 -21.86
N ASN C 216 -29.77 23.79 -21.65
CA ASN C 216 -30.20 22.72 -22.54
C ASN C 216 -31.52 22.21 -22.00
N MET C 217 -31.67 22.24 -20.69
CA MET C 217 -32.90 21.79 -20.03
C MET C 217 -34.05 22.68 -20.48
N PHE C 218 -33.76 23.95 -20.69
CA PHE C 218 -34.77 24.91 -21.10
C PHE C 218 -35.22 24.72 -22.54
N GLN C 219 -34.30 24.43 -23.43
CA GLN C 219 -34.67 24.24 -24.83
C GLN C 219 -35.44 22.93 -25.02
N LYS C 220 -35.94 22.38 -23.92
CA LYS C 220 -36.72 21.14 -23.94
C LYS C 220 -38.12 21.40 -23.41
N ILE C 221 -38.24 22.32 -22.46
CA ILE C 221 -39.54 22.66 -21.90
C ILE C 221 -40.19 23.74 -22.78
N LEU C 222 -39.43 24.24 -23.76
CA LEU C 222 -39.91 25.25 -24.71
C LEU C 222 -40.06 24.66 -26.10
N VAL C 223 -39.95 23.33 -26.21
CA VAL C 223 -40.07 22.62 -27.49
C VAL C 223 -41.13 21.49 -27.39
#